data_6O1I
#
_entry.id   6O1I
#
_cell.length_a   87.753
_cell.length_b   139.300
_cell.length_c   265.586
_cell.angle_alpha   90.000
_cell.angle_beta   90.000
_cell.angle_gamma   90.000
#
_symmetry.space_group_name_H-M   'C 2 2 21'
#
_entity_poly.entity_id   1
_entity_poly.type   'polypeptide(L)'
_entity_poly.pdbx_seq_one_letter_code
;MNDNVAWFKQAKYGMMIHWGLYSLLAGEYRGESSSAYAEWIQSKFQIPNAEYGNLATAFNPLYFDAKKIVALAKQCGMQY
LVVTTKHHDGFAMYHSKVDAYNVYDATPFHRDIIGELAEACQKAGLKFGLYYSQDLDWHDPNGGGYKSNDVETAGTTWDN
SWDFPDEDQKNFDLCFDNKILPQIKEIMSNYGDIATAWFDVPMTLSEAQSQTIYDTVRELQPNCLINSRLGNGKYDFVSL
GDNEIPKNKEDMNKTDVDYNEITGFKPSPLGLYATAGTINDSWGFSYHDQNWKTPRTLYRYKQHLNDFGINYLLNVGLDP
LGRVPMMAEENLLAAKALEDEANRL
;
_entity_poly.pdbx_strand_id   A,B,C,D
#
# COMPACT_ATOMS: atom_id res chain seq x y z
N ASN A 2 11.84 17.90 16.33
CA ASN A 2 11.42 17.54 14.94
C ASN A 2 10.05 18.17 14.66
N ASP A 3 10.04 19.41 14.14
CA ASP A 3 8.83 20.11 13.62
C ASP A 3 8.76 19.85 12.10
N ASN A 4 9.58 18.93 11.60
CA ASN A 4 9.50 18.36 10.23
C ASN A 4 8.18 17.56 10.13
N VAL A 5 7.73 16.98 11.24
CA VAL A 5 6.42 16.26 11.39
C VAL A 5 5.28 17.25 11.12
N ALA A 6 5.31 18.42 11.77
CA ALA A 6 4.28 19.47 11.69
C ALA A 6 4.16 19.99 10.26
N TRP A 7 5.31 20.21 9.59
CA TRP A 7 5.40 20.69 8.19
C TRP A 7 4.76 19.67 7.24
N PHE A 8 4.99 18.38 7.47
CA PHE A 8 4.48 17.26 6.63
C PHE A 8 2.95 17.19 6.75
N LYS A 9 2.42 17.56 7.92
CA LYS A 9 0.95 17.63 8.20
C LYS A 9 0.28 18.66 7.27
N GLN A 10 0.99 19.75 6.94
CA GLN A 10 0.45 20.90 6.17
C GLN A 10 1.05 20.95 4.75
N ALA A 11 1.88 19.96 4.38
CA ALA A 11 2.59 19.89 3.08
C ALA A 11 1.58 19.69 1.94
N LYS A 12 0.76 18.64 2.03
CA LYS A 12 -0.44 18.38 1.19
C LYS A 12 -0.03 17.86 -0.20
N TYR A 13 0.82 18.61 -0.91
CA TYR A 13 1.16 18.39 -2.34
C TYR A 13 2.67 18.23 -2.48
N GLY A 14 3.12 17.25 -3.28
CA GLY A 14 4.54 16.99 -3.58
C GLY A 14 4.73 16.45 -4.98
N MET A 15 5.88 16.74 -5.60
CA MET A 15 6.28 16.20 -6.93
C MET A 15 7.15 14.95 -6.73
N MET A 16 6.87 13.90 -7.50
CA MET A 16 7.69 12.67 -7.59
C MET A 16 8.37 12.65 -8.97
N ILE A 17 9.61 12.18 -9.06
CA ILE A 17 10.38 12.08 -10.33
C ILE A 17 10.81 10.62 -10.52
N HIS A 18 10.34 10.00 -11.61
CA HIS A 18 10.80 8.67 -12.09
C HIS A 18 11.65 8.86 -13.35
N TRP A 19 12.95 8.66 -13.22
CA TRP A 19 13.93 8.84 -14.34
C TRP A 19 15.05 7.79 -14.22
N GLY A 20 15.44 7.22 -15.36
CA GLY A 20 16.48 6.18 -15.46
C GLY A 20 16.70 5.75 -16.90
N LEU A 21 17.42 4.65 -17.11
CA LEU A 21 17.71 4.09 -18.46
C LEU A 21 16.39 3.68 -19.13
N TYR A 22 15.42 3.20 -18.35
CA TYR A 22 14.08 2.75 -18.81
C TYR A 22 13.35 3.87 -19.56
N SER A 23 13.68 5.13 -19.24
CA SER A 23 13.07 6.35 -19.85
C SER A 23 13.48 6.46 -21.33
N LEU A 24 14.65 5.94 -21.71
CA LEU A 24 15.18 6.02 -23.10
C LEU A 24 14.36 5.11 -24.02
N LEU A 25 14.03 3.90 -23.53
CA LEU A 25 13.23 2.90 -24.30
C LEU A 25 11.78 3.39 -24.45
N ALA A 26 11.24 4.04 -23.42
CA ALA A 26 9.93 4.73 -23.43
C ALA A 26 8.80 3.73 -23.71
N GLY A 27 8.74 2.64 -22.93
CA GLY A 27 7.66 1.64 -22.95
C GLY A 27 7.61 0.86 -24.26
N GLU A 28 8.73 0.80 -24.98
CA GLU A 28 8.81 0.21 -26.34
C GLU A 28 10.09 -0.62 -26.41
N TYR A 29 10.00 -1.89 -26.82
CA TYR A 29 11.18 -2.78 -27.01
C TYR A 29 10.93 -3.76 -28.14
N ARG A 30 11.72 -3.64 -29.22
CA ARG A 30 11.72 -4.54 -30.40
C ARG A 30 10.29 -4.70 -30.93
N GLY A 31 9.62 -3.57 -31.19
CA GLY A 31 8.32 -3.48 -31.88
C GLY A 31 7.15 -3.89 -31.00
N GLU A 32 7.38 -4.10 -29.69
CA GLU A 32 6.35 -4.60 -28.73
C GLU A 32 6.29 -3.67 -27.51
N SER A 33 5.12 -3.60 -26.88
CA SER A 33 4.79 -2.63 -25.80
C SER A 33 5.22 -3.17 -24.43
N SER A 34 5.67 -2.28 -23.55
CA SER A 34 5.87 -2.56 -22.10
C SER A 34 4.51 -2.77 -21.44
N SER A 35 4.52 -3.18 -20.17
CA SER A 35 3.33 -3.23 -19.29
C SER A 35 2.83 -1.80 -19.04
N ALA A 36 1.79 -1.66 -18.21
CA ALA A 36 1.30 -0.36 -17.69
C ALA A 36 2.49 0.44 -17.14
N TYR A 37 3.47 -0.26 -16.55
CA TYR A 37 4.69 0.31 -15.93
C TYR A 37 5.87 0.16 -16.90
N ALA A 38 6.30 1.30 -17.48
CA ALA A 38 7.37 1.38 -18.50
C ALA A 38 8.75 1.28 -17.84
N GLU A 39 8.84 1.57 -16.53
CA GLU A 39 10.09 1.50 -15.74
C GLU A 39 10.46 0.03 -15.50
N TRP A 40 9.48 -0.87 -15.56
CA TRP A 40 9.63 -2.33 -15.33
C TRP A 40 10.06 -3.04 -16.62
N ILE A 41 10.41 -2.29 -17.67
CA ILE A 41 10.61 -2.82 -19.05
C ILE A 41 11.74 -3.86 -19.07
N GLN A 42 12.79 -3.70 -18.26
CA GLN A 42 13.95 -4.64 -18.27
C GLN A 42 13.46 -6.04 -17.87
N SER A 43 12.64 -6.13 -16.81
CA SER A 43 12.05 -7.41 -16.32
C SER A 43 11.02 -7.93 -17.34
N LYS A 44 10.24 -7.03 -17.93
CA LYS A 44 9.14 -7.35 -18.88
C LYS A 44 9.67 -8.20 -20.05
N PHE A 45 10.79 -7.79 -20.64
CA PHE A 45 11.41 -8.44 -21.82
C PHE A 45 12.72 -9.16 -21.43
N GLN A 46 13.01 -9.24 -20.14
CA GLN A 46 14.21 -9.92 -19.57
C GLN A 46 15.46 -9.48 -20.35
N ILE A 47 15.62 -8.16 -20.51
CA ILE A 47 16.72 -7.53 -21.30
C ILE A 47 18.03 -7.77 -20.56
N PRO A 48 19.02 -8.44 -21.18
CA PRO A 48 20.33 -8.65 -20.56
C PRO A 48 20.93 -7.35 -20.02
N ASN A 49 21.52 -7.39 -18.82
CA ASN A 49 22.24 -6.24 -18.19
C ASN A 49 23.25 -5.68 -19.20
N ALA A 50 23.90 -6.56 -19.96
CA ALA A 50 24.83 -6.24 -21.07
C ALA A 50 24.19 -5.20 -22.01
N GLU A 51 22.99 -5.48 -22.50
CA GLU A 51 22.25 -4.65 -23.49
C GLU A 51 21.64 -3.43 -22.78
N TYR A 52 20.83 -3.67 -21.74
CA TYR A 52 20.10 -2.62 -20.98
C TYR A 52 21.10 -1.57 -20.47
N GLY A 53 22.19 -2.01 -19.84
CA GLY A 53 23.26 -1.14 -19.31
C GLY A 53 23.81 -0.22 -20.39
N ASN A 54 23.90 -0.71 -21.63
CA ASN A 54 24.48 0.03 -22.78
C ASN A 54 23.67 1.30 -23.06
N LEU A 55 22.39 1.33 -22.68
CA LEU A 55 21.50 2.53 -22.79
C LEU A 55 22.21 3.74 -22.18
N ALA A 56 23.00 3.54 -21.12
CA ALA A 56 23.81 4.57 -20.42
C ALA A 56 24.60 5.40 -21.45
N THR A 57 25.09 4.77 -22.51
CA THR A 57 25.94 5.40 -23.56
C THR A 57 25.12 6.42 -24.37
N ALA A 58 23.80 6.26 -24.43
CA ALA A 58 22.87 7.16 -25.16
C ALA A 58 22.32 8.26 -24.25
N PHE A 59 22.33 8.03 -22.93
CA PHE A 59 21.76 8.94 -21.90
C PHE A 59 22.54 10.28 -21.90
N ASN A 60 22.02 11.27 -22.62
CA ASN A 60 22.63 12.63 -22.74
C ASN A 60 21.50 13.68 -22.75
N PRO A 61 20.71 13.77 -21.66
CA PRO A 61 19.54 14.64 -21.63
C PRO A 61 19.90 16.14 -21.65
N LEU A 62 19.93 16.71 -22.85
CA LEU A 62 20.44 18.09 -23.14
C LEU A 62 19.57 19.12 -22.42
N TYR A 63 18.26 18.87 -22.30
CA TYR A 63 17.25 19.85 -21.82
C TYR A 63 16.87 19.57 -20.35
N PHE A 64 17.65 18.76 -19.64
CA PHE A 64 17.48 18.58 -18.17
C PHE A 64 17.82 19.90 -17.48
N ASP A 65 16.97 20.32 -16.53
CA ASP A 65 17.09 21.62 -15.83
C ASP A 65 16.35 21.54 -14.49
N ALA A 66 17.05 21.16 -13.42
CA ALA A 66 16.51 21.03 -12.05
C ALA A 66 15.76 22.30 -11.66
N LYS A 67 16.33 23.48 -11.96
CA LYS A 67 15.76 24.81 -11.62
C LYS A 67 14.30 24.88 -12.10
N LYS A 68 14.07 24.60 -13.39
CA LYS A 68 12.74 24.68 -14.05
C LYS A 68 11.78 23.65 -13.43
N ILE A 69 12.24 22.41 -13.27
CA ILE A 69 11.44 21.27 -12.72
C ILE A 69 10.89 21.68 -11.35
N VAL A 70 11.75 22.23 -10.49
CA VAL A 70 11.39 22.72 -9.13
C VAL A 70 10.45 23.93 -9.26
N ALA A 71 10.77 24.85 -10.17
CA ALA A 71 10.00 26.09 -10.43
C ALA A 71 8.55 25.73 -10.78
N LEU A 72 8.37 24.75 -11.67
CA LEU A 72 7.04 24.19 -12.03
C LEU A 72 6.35 23.70 -10.75
N ALA A 73 7.01 22.78 -10.04
CA ALA A 73 6.53 22.15 -8.79
C ALA A 73 6.04 23.23 -7.82
N LYS A 74 6.86 24.26 -7.60
CA LYS A 74 6.57 25.39 -6.67
C LYS A 74 5.35 26.17 -7.17
N GLN A 75 5.21 26.35 -8.48
CA GLN A 75 4.10 27.13 -9.10
C GLN A 75 2.78 26.36 -8.98
N CYS A 76 2.85 25.03 -8.91
CA CYS A 76 1.67 24.13 -8.72
C CYS A 76 1.35 23.99 -7.22
N GLY A 77 2.19 24.56 -6.35
CA GLY A 77 1.97 24.65 -4.89
C GLY A 77 2.55 23.46 -4.14
N MET A 78 3.32 22.61 -4.82
CA MET A 78 3.97 21.42 -4.22
C MET A 78 5.10 21.89 -3.29
N GLN A 79 5.14 21.36 -2.06
CA GLN A 79 6.03 21.85 -0.97
C GLN A 79 7.29 20.99 -0.87
N TYR A 80 7.30 19.79 -1.47
CA TYR A 80 8.49 18.88 -1.48
C TYR A 80 8.57 18.14 -2.81
N LEU A 81 9.77 17.64 -3.11
CA LEU A 81 10.11 16.91 -4.36
C LEU A 81 10.84 15.61 -4.00
N VAL A 82 10.22 14.45 -4.30
CA VAL A 82 10.83 13.09 -4.12
C VAL A 82 11.37 12.63 -5.48
N VAL A 83 12.52 11.94 -5.48
CA VAL A 83 13.21 11.50 -6.74
C VAL A 83 13.76 10.08 -6.55
N THR A 84 13.81 9.32 -7.64
CA THR A 84 14.41 7.95 -7.70
C THR A 84 15.93 8.07 -7.76
N THR A 85 16.62 7.69 -6.68
CA THR A 85 18.10 7.58 -6.60
C THR A 85 18.52 6.32 -7.37
N LYS A 86 17.81 5.21 -7.15
CA LYS A 86 18.03 3.91 -7.84
C LYS A 86 16.73 3.11 -7.82
N HIS A 87 16.21 2.76 -9.00
CA HIS A 87 15.00 1.89 -9.17
C HIS A 87 15.45 0.42 -9.21
N HIS A 88 14.52 -0.48 -9.57
CA HIS A 88 14.75 -1.96 -9.63
C HIS A 88 15.85 -2.31 -10.62
N ASP A 89 16.05 -1.48 -11.66
CA ASP A 89 17.05 -1.68 -12.74
C ASP A 89 18.47 -1.71 -12.15
N GLY A 90 18.66 -1.11 -10.96
CA GLY A 90 19.93 -1.13 -10.21
C GLY A 90 20.83 0.04 -10.57
N PHE A 91 20.40 0.87 -11.53
CA PHE A 91 21.17 2.03 -12.06
C PHE A 91 20.94 3.25 -11.16
N ALA A 92 22.00 3.71 -10.51
CA ALA A 92 21.99 4.90 -9.61
C ALA A 92 21.98 6.17 -10.46
N MET A 93 21.14 7.15 -10.08
CA MET A 93 21.03 8.47 -10.76
C MET A 93 21.84 9.52 -9.99
N TYR A 94 22.78 9.06 -9.15
CA TYR A 94 23.74 9.91 -8.39
C TYR A 94 25.16 9.34 -8.58
N HIS A 95 26.17 10.06 -8.09
CA HIS A 95 27.61 9.72 -8.22
C HIS A 95 28.00 8.73 -7.12
N SER A 96 27.66 7.45 -7.30
CA SER A 96 27.86 6.35 -6.32
C SER A 96 29.33 5.90 -6.34
N LYS A 97 30.02 6.03 -5.20
CA LYS A 97 31.42 5.58 -4.99
C LYS A 97 31.48 4.04 -4.97
N VAL A 98 30.38 3.40 -4.56
CA VAL A 98 30.29 1.92 -4.34
C VAL A 98 30.14 1.20 -5.68
N ASP A 99 29.34 1.75 -6.60
CA ASP A 99 29.01 1.11 -7.91
C ASP A 99 29.14 2.14 -9.03
N ALA A 100 29.88 1.78 -10.09
CA ALA A 100 30.14 2.63 -11.29
C ALA A 100 28.96 2.57 -12.26
N TYR A 101 28.01 1.65 -12.02
CA TYR A 101 26.70 1.56 -12.73
C TYR A 101 25.82 2.73 -12.24
N ASN A 102 26.10 3.94 -12.74
CA ASN A 102 25.45 5.19 -12.29
C ASN A 102 25.55 6.26 -13.39
N VAL A 103 24.71 7.29 -13.30
CA VAL A 103 24.55 8.35 -14.33
C VAL A 103 25.88 9.10 -14.55
N TYR A 104 26.62 9.40 -13.48
CA TYR A 104 27.84 10.25 -13.53
C TYR A 104 28.96 9.51 -14.28
N ASP A 105 29.19 8.24 -13.97
CA ASP A 105 30.37 7.46 -14.45
C ASP A 105 30.07 6.83 -15.81
N ALA A 106 28.84 6.31 -16.01
CA ALA A 106 28.49 5.37 -17.10
C ALA A 106 27.91 6.11 -18.32
N THR A 107 27.63 7.41 -18.24
CA THR A 107 26.90 8.17 -19.28
C THR A 107 27.75 9.30 -19.85
N PRO A 108 27.50 9.74 -21.11
CA PRO A 108 28.09 10.96 -21.65
C PRO A 108 27.73 12.21 -20.83
N PHE A 109 26.52 12.23 -20.28
CA PHE A 109 25.95 13.34 -19.47
C PHE A 109 26.95 13.72 -18.37
N HIS A 110 27.38 12.72 -17.59
CA HIS A 110 28.49 12.83 -16.60
C HIS A 110 28.14 13.85 -15.51
N ARG A 111 26.90 13.82 -15.03
CA ARG A 111 26.38 14.79 -14.01
C ARG A 111 25.49 14.06 -13.00
N ASP A 112 25.59 14.46 -11.72
CA ASP A 112 24.78 13.91 -10.60
C ASP A 112 23.43 14.63 -10.57
N ILE A 113 22.39 13.97 -11.08
CA ILE A 113 21.01 14.52 -11.19
C ILE A 113 20.44 14.75 -9.78
N ILE A 114 20.59 13.76 -8.89
CA ILE A 114 20.11 13.84 -7.46
C ILE A 114 20.70 15.12 -6.84
N GLY A 115 21.98 15.39 -7.08
CA GLY A 115 22.68 16.60 -6.62
C GLY A 115 21.98 17.87 -7.08
N GLU A 116 21.85 18.05 -8.39
CA GLU A 116 21.28 19.27 -9.02
C GLU A 116 19.89 19.55 -8.44
N LEU A 117 19.04 18.53 -8.37
CA LEU A 117 17.65 18.61 -7.85
C LEU A 117 17.68 19.00 -6.37
N ALA A 118 18.49 18.30 -5.56
CA ALA A 118 18.68 18.59 -4.12
C ALA A 118 18.99 20.08 -3.95
N GLU A 119 19.94 20.59 -4.74
CA GLU A 119 20.41 22.02 -4.70
C GLU A 119 19.26 22.94 -5.14
N ALA A 120 18.69 22.67 -6.32
CA ALA A 120 17.57 23.43 -6.91
C ALA A 120 16.44 23.61 -5.88
N CYS A 121 16.09 22.52 -5.18
CA CYS A 121 15.05 22.48 -4.11
C CYS A 121 15.44 23.44 -2.98
N GLN A 122 16.66 23.27 -2.45
CA GLN A 122 17.23 24.11 -1.35
C GLN A 122 17.10 25.59 -1.71
N LYS A 123 17.49 25.97 -2.93
CA LYS A 123 17.55 27.39 -3.40
C LYS A 123 16.14 27.92 -3.62
N ALA A 124 15.20 27.07 -4.05
CA ALA A 124 13.79 27.44 -4.35
C ALA A 124 12.94 27.40 -3.07
N GLY A 125 13.45 26.80 -2.00
CA GLY A 125 12.74 26.69 -0.71
C GLY A 125 11.72 25.56 -0.72
N LEU A 126 12.09 24.41 -1.30
CA LEU A 126 11.32 23.14 -1.25
C LEU A 126 12.12 22.11 -0.45
N LYS A 127 11.44 21.27 0.33
CA LYS A 127 12.04 20.07 0.99
C LYS A 127 12.44 19.07 -0.11
N PHE A 128 13.38 18.17 0.20
CA PHE A 128 13.93 17.16 -0.73
C PHE A 128 13.77 15.76 -0.13
N GLY A 129 13.04 14.89 -0.83
CA GLY A 129 12.85 13.46 -0.47
C GLY A 129 13.64 12.55 -1.40
N LEU A 130 13.84 11.30 -0.99
CA LEU A 130 14.58 10.28 -1.78
C LEU A 130 13.78 8.98 -1.81
N TYR A 131 13.96 8.20 -2.89
CA TYR A 131 13.42 6.82 -3.05
C TYR A 131 14.58 5.89 -3.45
N TYR A 132 14.65 4.71 -2.83
CA TYR A 132 15.67 3.67 -3.13
C TYR A 132 15.06 2.27 -3.06
N SER A 133 15.22 1.48 -4.13
CA SER A 133 14.83 0.05 -4.20
C SER A 133 15.81 -0.79 -3.38
N GLN A 134 15.51 -1.00 -2.09
CA GLN A 134 16.41 -1.66 -1.12
C GLN A 134 16.37 -3.19 -1.29
N ASP A 135 15.35 -3.72 -1.97
CA ASP A 135 15.14 -5.18 -2.15
C ASP A 135 15.57 -5.59 -3.56
N LEU A 136 14.86 -5.09 -4.59
CA LEU A 136 15.05 -5.50 -6.01
C LEU A 136 16.25 -4.76 -6.61
N ASP A 137 17.15 -5.51 -7.27
CA ASP A 137 18.29 -4.96 -8.03
C ASP A 137 18.64 -5.95 -9.15
N TRP A 138 18.21 -5.67 -10.37
CA TRP A 138 18.33 -6.59 -11.54
C TRP A 138 19.78 -6.61 -12.06
N HIS A 139 20.57 -5.58 -11.75
CA HIS A 139 22.00 -5.48 -12.14
C HIS A 139 22.87 -6.36 -11.22
N ASP A 140 22.42 -6.59 -9.98
CA ASP A 140 23.18 -7.34 -8.95
C ASP A 140 22.93 -8.84 -9.11
N PRO A 141 24.00 -9.67 -9.19
CA PRO A 141 23.85 -11.13 -9.25
C PRO A 141 22.91 -11.71 -8.19
N ASN A 142 23.02 -11.23 -6.94
CA ASN A 142 22.20 -11.68 -5.78
C ASN A 142 21.07 -10.66 -5.53
N GLY A 143 20.49 -10.12 -6.60
CA GLY A 143 19.34 -9.19 -6.55
C GLY A 143 18.15 -9.82 -5.87
N GLY A 144 17.40 -9.03 -5.09
CA GLY A 144 16.26 -9.50 -4.27
C GLY A 144 15.07 -9.90 -5.13
N GLY A 145 14.19 -10.75 -4.57
CA GLY A 145 12.91 -11.18 -5.17
C GLY A 145 12.92 -12.64 -5.61
N TYR A 146 14.07 -13.30 -5.54
CA TYR A 146 14.30 -14.66 -6.12
C TYR A 146 13.58 -15.74 -5.30
N LYS A 147 13.18 -15.43 -4.06
CA LYS A 147 12.40 -16.33 -3.18
C LYS A 147 11.01 -15.73 -2.94
N SER A 148 10.42 -15.12 -3.98
CA SER A 148 9.11 -14.41 -3.92
C SER A 148 8.48 -14.27 -5.31
N ASN A 149 8.62 -15.30 -6.16
CA ASN A 149 8.14 -15.30 -7.56
C ASN A 149 6.78 -16.03 -7.66
N ASP A 150 6.24 -16.48 -6.52
CA ASP A 150 4.95 -17.23 -6.45
C ASP A 150 3.76 -16.30 -6.76
N VAL A 151 4.03 -15.04 -7.13
CA VAL A 151 3.00 -14.04 -7.55
C VAL A 151 3.49 -13.33 -8.82
N GLU A 152 2.56 -12.83 -9.65
CA GLU A 152 2.84 -12.13 -10.94
C GLU A 152 3.24 -10.68 -10.67
N THR A 153 3.95 -10.06 -11.62
CA THR A 153 4.53 -8.69 -11.52
C THR A 153 4.08 -7.83 -12.70
N ALA A 154 4.66 -6.63 -12.84
CA ALA A 154 4.50 -5.72 -14.00
C ALA A 154 5.52 -6.09 -15.10
N GLY A 155 6.45 -7.00 -14.79
CA GLY A 155 7.40 -7.59 -15.76
C GLY A 155 7.20 -9.09 -15.87
N THR A 156 8.25 -9.86 -15.62
CA THR A 156 8.22 -11.35 -15.53
C THR A 156 8.43 -11.74 -14.06
N THR A 157 9.67 -12.03 -13.66
CA THR A 157 10.09 -12.35 -12.26
C THR A 157 10.42 -11.05 -11.53
N TRP A 158 10.42 -11.08 -10.20
CA TRP A 158 10.78 -9.93 -9.33
C TRP A 158 12.29 -9.69 -9.38
N ASP A 159 13.08 -10.76 -9.50
CA ASP A 159 14.56 -10.74 -9.56
C ASP A 159 15.01 -10.83 -11.02
N ASN A 160 16.31 -10.65 -11.27
CA ASN A 160 16.94 -10.91 -12.59
C ASN A 160 17.17 -12.42 -12.72
N SER A 161 16.18 -13.14 -13.27
CA SER A 161 16.16 -14.61 -13.43
C SER A 161 16.77 -15.05 -14.76
N TRP A 162 17.17 -14.09 -15.62
CA TRP A 162 17.65 -14.35 -17.00
C TRP A 162 19.18 -14.32 -17.05
N ASP A 163 19.81 -13.25 -16.51
CA ASP A 163 21.29 -13.13 -16.42
C ASP A 163 21.81 -14.07 -15.34
N PHE A 164 21.03 -14.29 -14.28
CA PHE A 164 21.41 -15.08 -13.07
C PHE A 164 20.36 -16.17 -12.81
N PRO A 165 20.30 -17.21 -13.67
CA PRO A 165 19.35 -18.31 -13.47
C PRO A 165 19.89 -19.38 -12.51
N ASP A 166 20.02 -19.04 -11.23
CA ASP A 166 20.50 -19.95 -10.15
C ASP A 166 19.84 -19.55 -8.83
N GLU A 167 18.51 -19.58 -8.77
CA GLU A 167 17.70 -19.25 -7.57
C GLU A 167 18.17 -20.09 -6.37
N ASP A 168 18.55 -21.35 -6.61
CA ASP A 168 18.98 -22.34 -5.59
C ASP A 168 20.29 -21.91 -4.93
N GLN A 169 21.17 -21.22 -5.66
CA GLN A 169 22.52 -20.81 -5.20
C GLN A 169 22.64 -19.27 -5.18
N LYS A 170 21.55 -18.58 -4.84
CA LYS A 170 21.50 -17.10 -4.66
C LYS A 170 21.46 -16.78 -3.16
N ASN A 171 22.05 -15.65 -2.76
CA ASN A 171 22.14 -15.20 -1.34
C ASN A 171 22.15 -13.66 -1.30
N PHE A 172 21.03 -13.05 -0.91
CA PHE A 172 20.78 -11.59 -0.91
C PHE A 172 21.75 -10.87 0.05
N ASP A 173 22.16 -11.54 1.14
CA ASP A 173 23.10 -10.98 2.15
C ASP A 173 24.33 -10.40 1.42
N LEU A 174 24.82 -11.09 0.39
CA LEU A 174 25.93 -10.64 -0.48
C LEU A 174 25.60 -9.28 -1.08
N CYS A 175 24.41 -9.13 -1.67
CA CYS A 175 23.92 -7.90 -2.33
C CYS A 175 23.76 -6.76 -1.32
N PHE A 176 23.18 -7.04 -0.15
CA PHE A 176 22.82 -6.04 0.89
C PHE A 176 24.10 -5.38 1.46
N ASP A 177 25.08 -6.20 1.85
CA ASP A 177 26.33 -5.77 2.52
C ASP A 177 27.20 -4.97 1.55
N ASN A 178 27.20 -5.35 0.26
CA ASN A 178 28.16 -4.86 -0.77
C ASN A 178 27.61 -3.63 -1.50
N LYS A 179 26.30 -3.56 -1.75
CA LYS A 179 25.67 -2.45 -2.54
C LYS A 179 24.66 -1.68 -1.69
N ILE A 180 23.62 -2.35 -1.18
CA ILE A 180 22.38 -1.73 -0.63
C ILE A 180 22.75 -0.78 0.52
N LEU A 181 23.17 -1.34 1.67
CA LEU A 181 23.48 -0.57 2.91
C LEU A 181 24.46 0.55 2.59
N PRO A 182 25.60 0.26 1.90
CA PRO A 182 26.53 1.30 1.45
C PRO A 182 25.90 2.44 0.63
N GLN A 183 25.08 2.10 -0.38
CA GLN A 183 24.46 3.10 -1.30
C GLN A 183 23.44 3.96 -0.54
N ILE A 184 22.70 3.38 0.40
CA ILE A 184 21.72 4.11 1.26
C ILE A 184 22.47 5.14 2.10
N LYS A 185 23.63 4.75 2.65
CA LYS A 185 24.54 5.66 3.41
C LYS A 185 24.92 6.84 2.51
N GLU A 186 25.38 6.55 1.28
CA GLU A 186 25.89 7.56 0.31
C GLU A 186 24.86 8.70 0.14
N ILE A 187 23.62 8.35 -0.22
CA ILE A 187 22.53 9.31 -0.57
C ILE A 187 22.08 10.07 0.70
N MET A 188 22.10 9.39 1.85
CA MET A 188 21.67 9.97 3.15
C MET A 188 22.79 10.79 3.79
N SER A 189 24.03 10.62 3.31
CA SER A 189 25.24 11.34 3.79
C SER A 189 25.40 12.66 3.02
N ASN A 190 25.31 12.59 1.69
CA ASN A 190 25.46 13.75 0.77
C ASN A 190 24.08 14.35 0.50
N TYR A 191 24.01 15.36 -0.36
CA TYR A 191 22.76 15.96 -0.90
C TYR A 191 21.95 16.61 0.23
N GLY A 192 22.66 17.25 1.17
CA GLY A 192 22.09 18.10 2.23
C GLY A 192 21.03 17.39 3.06
N ASP A 193 20.05 18.16 3.55
CA ASP A 193 18.94 17.67 4.40
C ASP A 193 17.97 16.83 3.56
N ILE A 194 17.67 15.61 4.02
CA ILE A 194 16.66 14.70 3.42
C ILE A 194 15.43 14.72 4.35
N ALA A 195 14.29 15.20 3.86
CA ALA A 195 13.05 15.44 4.64
C ALA A 195 12.13 14.21 4.60
N THR A 196 12.24 13.39 3.56
CA THR A 196 11.40 12.17 3.35
C THR A 196 12.25 11.07 2.71
N ALA A 197 11.97 9.80 3.04
CA ALA A 197 12.65 8.60 2.52
C ALA A 197 11.62 7.51 2.23
N TRP A 198 11.39 7.22 0.94
CA TRP A 198 10.39 6.24 0.46
C TRP A 198 11.11 4.94 0.04
N PHE A 199 10.70 3.81 0.62
CA PHE A 199 11.26 2.46 0.36
C PHE A 199 10.16 1.55 -0.19
N ASP A 200 10.55 0.45 -0.83
CA ASP A 200 9.63 -0.60 -1.36
C ASP A 200 9.26 -1.56 -0.22
N VAL A 201 8.13 -2.26 -0.37
CA VAL A 201 7.73 -3.42 0.51
C VAL A 201 8.82 -4.48 0.39
N PRO A 202 9.58 -4.78 1.48
CA PRO A 202 10.55 -5.86 1.46
C PRO A 202 9.89 -7.22 1.21
N MET A 203 10.52 -8.03 0.37
CA MET A 203 10.07 -9.41 0.02
C MET A 203 11.17 -10.42 0.39
N THR A 204 12.42 -10.11 0.03
CA THR A 204 13.63 -10.91 0.35
C THR A 204 14.60 -10.04 1.18
N LEU A 205 14.12 -9.58 2.35
CA LEU A 205 14.90 -8.74 3.30
C LEU A 205 14.62 -9.23 4.73
N SER A 206 15.66 -9.56 5.49
CA SER A 206 15.59 -9.99 6.91
C SER A 206 15.17 -8.80 7.78
N GLU A 207 14.59 -9.07 8.96
CA GLU A 207 14.18 -8.03 9.94
C GLU A 207 15.41 -7.22 10.35
N ALA A 208 16.55 -7.89 10.54
CA ALA A 208 17.86 -7.28 10.84
C ALA A 208 18.18 -6.21 9.79
N GLN A 209 18.13 -6.60 8.51
CA GLN A 209 18.43 -5.73 7.33
C GLN A 209 17.43 -4.56 7.29
N SER A 210 16.17 -4.81 7.64
CA SER A 210 15.10 -3.77 7.72
C SER A 210 15.45 -2.76 8.82
N GLN A 211 15.75 -3.25 10.04
CA GLN A 211 16.14 -2.42 11.21
C GLN A 211 17.44 -1.66 10.90
N THR A 212 18.39 -2.33 10.23
CA THR A 212 19.70 -1.77 9.82
C THR A 212 19.47 -0.45 9.06
N ILE A 213 18.66 -0.49 8.00
CA ILE A 213 18.36 0.68 7.12
C ILE A 213 17.75 1.79 7.99
N TYR A 214 16.76 1.46 8.82
CA TYR A 214 16.05 2.41 9.73
C TYR A 214 17.09 3.17 10.57
N ASP A 215 17.97 2.43 11.26
CA ASP A 215 19.03 2.99 12.13
C ASP A 215 19.99 3.83 11.28
N THR A 216 20.37 3.34 10.09
CA THR A 216 21.28 4.03 9.14
C THR A 216 20.71 5.41 8.79
N VAL A 217 19.41 5.47 8.48
CA VAL A 217 18.71 6.73 8.11
C VAL A 217 18.65 7.65 9.33
N ARG A 218 18.27 7.09 10.49
CA ARG A 218 18.16 7.83 11.79
C ARG A 218 19.50 8.50 12.12
N GLU A 219 20.60 7.73 12.05
CA GLU A 219 21.97 8.17 12.45
C GLU A 219 22.44 9.31 11.52
N LEU A 220 22.08 9.25 10.23
CA LEU A 220 22.57 10.18 9.17
C LEU A 220 21.59 11.35 8.98
N GLN A 221 20.28 11.07 8.96
CA GLN A 221 19.21 12.08 8.71
C GLN A 221 18.16 11.97 9.81
N PRO A 222 18.43 12.51 11.02
CA PRO A 222 17.50 12.35 12.15
C PRO A 222 16.10 12.91 11.87
N ASN A 223 16.03 14.08 11.24
CA ASN A 223 14.76 14.81 10.97
C ASN A 223 13.98 14.14 9.82
N CYS A 224 14.63 13.26 9.05
CA CYS A 224 14.01 12.55 7.89
C CYS A 224 12.84 11.68 8.35
N LEU A 225 11.66 11.89 7.75
CA LEU A 225 10.45 11.04 7.95
C LEU A 225 10.57 9.83 7.03
N ILE A 226 10.35 8.62 7.58
CA ILE A 226 10.55 7.33 6.87
C ILE A 226 9.19 6.71 6.54
N ASN A 227 9.09 6.09 5.36
CA ASN A 227 7.86 5.49 4.78
C ASN A 227 7.57 4.15 5.49
N SER A 228 6.30 3.77 5.60
CA SER A 228 5.81 2.56 6.32
C SER A 228 6.24 1.27 5.60
N ARG A 229 6.37 1.31 4.27
CA ARG A 229 6.73 0.14 3.42
C ARG A 229 7.92 -0.61 4.03
N LEU A 230 8.90 0.13 4.59
CA LEU A 230 10.22 -0.39 5.06
C LEU A 230 10.03 -1.50 6.11
N GLY A 231 9.39 -1.18 7.24
CA GLY A 231 9.23 -2.13 8.37
C GLY A 231 8.13 -1.70 9.33
N ASN A 232 7.52 -2.68 10.02
CA ASN A 232 6.28 -2.51 10.82
C ASN A 232 6.51 -1.61 12.04
N GLY A 233 7.74 -1.57 12.57
CA GLY A 233 8.13 -0.69 13.67
C GLY A 233 9.31 0.19 13.29
N LYS A 234 9.33 0.66 12.04
CA LYS A 234 10.51 1.30 11.41
C LYS A 234 10.05 2.43 10.46
N TYR A 235 9.06 3.23 10.88
CA TYR A 235 8.49 4.34 10.06
C TYR A 235 7.91 5.46 10.93
N ASP A 236 7.56 6.57 10.27
CA ASP A 236 6.95 7.79 10.86
C ASP A 236 5.56 8.02 10.25
N PHE A 237 5.47 8.01 8.92
CA PHE A 237 4.23 8.20 8.12
C PHE A 237 3.94 6.93 7.30
N VAL A 238 2.66 6.63 7.08
CA VAL A 238 2.20 5.44 6.32
C VAL A 238 1.88 5.85 4.88
N SER A 239 2.31 5.02 3.91
CA SER A 239 2.01 5.18 2.47
C SER A 239 0.78 4.35 2.10
N LEU A 240 -0.33 5.01 1.76
CA LEU A 240 -1.61 4.38 1.34
C LEU A 240 -1.57 4.17 -0.19
N GLY A 241 -1.93 2.97 -0.63
CA GLY A 241 -1.77 2.52 -2.03
C GLY A 241 -3.10 2.38 -2.74
N ASP A 242 -3.78 3.50 -3.02
CA ASP A 242 -4.95 3.61 -3.94
C ASP A 242 -6.16 2.89 -3.33
N ASN A 243 -6.04 1.58 -3.09
CA ASN A 243 -7.12 0.71 -2.53
C ASN A 243 -7.23 0.90 -1.01
N GLU A 244 -6.35 1.71 -0.40
CA GLU A 244 -6.35 1.99 1.06
C GLU A 244 -6.90 3.40 1.34
N ILE A 245 -7.49 4.05 0.33
CA ILE A 245 -8.00 5.46 0.39
C ILE A 245 -9.44 5.44 0.90
N PRO A 246 -9.85 6.40 1.77
CA PRO A 246 -11.23 6.47 2.26
C PRO A 246 -12.29 6.79 1.18
N LYS A 247 -13.58 6.68 1.55
CA LYS A 247 -14.75 6.82 0.64
C LYS A 247 -14.79 8.25 0.07
N GLY A 264 -3.45 -5.20 8.71
CA GLY A 264 -4.25 -4.49 7.68
C GLY A 264 -3.84 -3.03 7.57
N PHE A 265 -4.56 -2.14 8.26
CA PHE A 265 -4.25 -0.70 8.42
C PHE A 265 -3.17 -0.57 9.51
N LYS A 266 -1.92 -0.31 9.12
CA LYS A 266 -0.77 -0.24 10.07
C LYS A 266 -0.85 1.10 10.79
N PRO A 267 -0.96 1.12 12.14
CA PRO A 267 -1.13 2.38 12.86
C PRO A 267 -0.10 3.46 12.52
N SER A 268 -0.55 4.70 12.28
CA SER A 268 0.29 5.92 12.15
C SER A 268 0.29 6.68 13.48
N PRO A 269 1.38 6.61 14.26
CA PRO A 269 1.41 7.22 15.60
C PRO A 269 1.50 8.75 15.56
N LEU A 270 2.15 9.31 14.53
CA LEU A 270 2.28 10.77 14.30
C LEU A 270 1.01 11.29 13.60
N GLY A 271 0.22 10.39 13.01
CA GLY A 271 -1.01 10.71 12.27
C GLY A 271 -0.69 11.26 10.88
N LEU A 272 0.42 10.78 10.28
CA LEU A 272 0.91 11.20 8.95
C LEU A 272 0.56 10.14 7.91
N TYR A 273 0.00 10.57 6.78
CA TYR A 273 -0.42 9.70 5.64
C TYR A 273 0.02 10.36 4.34
N ALA A 274 0.36 9.56 3.32
CA ALA A 274 0.75 10.03 1.97
C ALA A 274 0.40 8.96 0.93
N THR A 275 -0.06 9.40 -0.25
CA THR A 275 -0.41 8.54 -1.41
C THR A 275 0.33 9.02 -2.64
N ALA A 276 1.15 8.15 -3.24
CA ALA A 276 1.83 8.36 -4.53
C ALA A 276 0.87 8.04 -5.66
N GLY A 277 0.84 8.88 -6.70
CA GLY A 277 0.03 8.69 -7.93
C GLY A 277 0.74 9.28 -9.14
N THR A 278 0.32 8.89 -10.34
CA THR A 278 0.89 9.38 -11.62
C THR A 278 -0.17 10.18 -12.39
N ILE A 279 0.26 10.91 -13.41
CA ILE A 279 -0.62 11.76 -14.26
C ILE A 279 -1.23 10.87 -15.34
N ASN A 280 -0.42 10.02 -15.98
CA ASN A 280 -0.90 8.92 -16.88
C ASN A 280 -0.84 7.60 -16.08
N ASP A 281 -0.75 6.45 -16.74
CA ASP A 281 -0.88 5.11 -16.11
C ASP A 281 0.49 4.50 -15.81
N SER A 282 1.58 5.16 -16.23
CA SER A 282 2.98 4.70 -16.06
C SER A 282 3.75 5.68 -15.17
N TRP A 283 4.69 5.16 -14.38
CA TRP A 283 5.61 5.96 -13.52
C TRP A 283 6.76 6.46 -14.39
N GLY A 284 7.50 5.54 -15.02
CA GLY A 284 8.51 5.86 -16.05
C GLY A 284 7.86 6.39 -17.30
N PHE A 285 8.59 7.19 -18.08
CA PHE A 285 8.09 7.83 -19.32
C PHE A 285 7.76 6.74 -20.35
N SER A 286 6.78 7.01 -21.23
CA SER A 286 6.27 6.06 -22.26
C SER A 286 5.59 6.83 -23.40
N TYR A 287 6.03 6.60 -24.65
CA TYR A 287 5.50 7.24 -25.89
C TYR A 287 4.00 6.97 -25.99
N HIS A 288 3.63 5.70 -25.95
CA HIS A 288 2.27 5.20 -26.30
C HIS A 288 1.26 5.55 -25.20
N ASP A 289 1.72 5.81 -23.96
CA ASP A 289 0.83 6.18 -22.83
C ASP A 289 0.54 7.68 -22.89
N GLN A 290 -0.58 8.04 -23.52
CA GLN A 290 -1.10 9.43 -23.64
C GLN A 290 -2.37 9.58 -22.79
N ASN A 291 -2.60 8.67 -21.84
CA ASN A 291 -3.83 8.62 -21.00
C ASN A 291 -3.66 9.54 -19.79
N TRP A 292 -3.41 10.83 -20.05
CA TRP A 292 -3.14 11.87 -19.02
C TRP A 292 -4.44 12.20 -18.29
N LYS A 293 -4.46 12.02 -16.96
CA LYS A 293 -5.59 12.41 -16.07
C LYS A 293 -5.91 13.88 -16.33
N THR A 294 -7.19 14.20 -16.50
CA THR A 294 -7.69 15.55 -16.84
C THR A 294 -7.28 16.52 -15.73
N PRO A 295 -7.19 17.84 -16.00
CA PRO A 295 -6.96 18.82 -14.95
C PRO A 295 -7.95 18.62 -13.78
N ARG A 296 -9.23 18.40 -14.10
CA ARG A 296 -10.33 18.24 -13.11
C ARG A 296 -10.01 17.06 -12.18
N THR A 297 -9.61 15.92 -12.75
CA THR A 297 -9.32 14.66 -12.01
C THR A 297 -8.18 14.90 -11.00
N LEU A 298 -7.09 15.54 -11.44
CA LEU A 298 -5.88 15.80 -10.61
C LEU A 298 -6.27 16.66 -9.39
N TYR A 299 -6.98 17.77 -9.63
CA TYR A 299 -7.47 18.70 -8.58
C TYR A 299 -8.39 17.96 -7.62
N ARG A 300 -9.39 17.26 -8.16
CA ARG A 300 -10.45 16.57 -7.37
C ARG A 300 -9.81 15.50 -6.47
N TYR A 301 -8.85 14.73 -6.99
CA TYR A 301 -8.15 13.65 -6.23
C TYR A 301 -7.31 14.29 -5.11
N LYS A 302 -6.55 15.32 -5.45
CA LYS A 302 -5.74 16.11 -4.47
C LYS A 302 -6.67 16.61 -3.35
N GLN A 303 -7.82 17.19 -3.73
CA GLN A 303 -8.83 17.73 -2.79
C GLN A 303 -9.28 16.64 -1.82
N HIS A 304 -9.69 15.49 -2.35
CA HIS A 304 -10.16 14.30 -1.59
C HIS A 304 -9.11 13.86 -0.58
N LEU A 305 -7.87 13.64 -1.04
CA LEU A 305 -6.75 13.13 -0.20
C LEU A 305 -6.42 14.12 0.91
N ASN A 306 -6.32 15.42 0.57
CA ASN A 306 -5.99 16.51 1.52
C ASN A 306 -7.10 16.62 2.58
N ASP A 307 -8.36 16.46 2.17
CA ASP A 307 -9.55 16.54 3.06
C ASP A 307 -9.53 15.39 4.07
N PHE A 308 -8.93 14.25 3.72
CA PHE A 308 -8.77 13.05 4.59
C PHE A 308 -7.37 13.02 5.21
N GLY A 309 -6.68 14.17 5.25
CA GLY A 309 -5.36 14.33 5.86
C GLY A 309 -4.32 13.39 5.26
N ILE A 310 -4.32 13.27 3.94
CA ILE A 310 -3.34 12.44 3.15
C ILE A 310 -2.60 13.37 2.18
N ASN A 311 -1.27 13.33 2.20
CA ASN A 311 -0.40 14.07 1.24
C ASN A 311 -0.49 13.40 -0.13
N TYR A 312 -0.69 14.20 -1.18
CA TYR A 312 -0.73 13.74 -2.60
C TYR A 312 0.66 13.93 -3.21
N LEU A 313 1.37 12.83 -3.46
CA LEU A 313 2.67 12.81 -4.17
C LEU A 313 2.42 12.43 -5.63
N LEU A 314 2.38 13.44 -6.51
CA LEU A 314 2.02 13.29 -7.95
C LEU A 314 3.31 13.16 -8.79
N ASN A 315 3.44 12.08 -9.55
CA ASN A 315 4.69 11.67 -10.24
C ASN A 315 4.75 12.25 -11.66
N VAL A 316 5.91 12.82 -12.01
CA VAL A 316 6.29 13.20 -13.39
C VAL A 316 7.38 12.22 -13.85
N GLY A 317 7.18 11.58 -15.01
CA GLY A 317 8.17 10.67 -15.62
C GLY A 317 8.95 11.38 -16.72
N LEU A 318 10.17 11.81 -16.42
CA LEU A 318 11.01 12.62 -17.35
C LEU A 318 11.34 11.78 -18.58
N ASP A 319 11.41 12.44 -19.75
CA ASP A 319 11.59 11.82 -21.09
C ASP A 319 13.08 11.73 -21.39
N PRO A 320 13.50 11.13 -22.53
CA PRO A 320 14.92 10.93 -22.83
C PRO A 320 15.80 12.20 -22.78
N LEU A 321 15.23 13.37 -23.08
CA LEU A 321 15.96 14.67 -23.05
C LEU A 321 15.86 15.32 -21.67
N GLY A 322 15.24 14.63 -20.70
CA GLY A 322 15.10 15.10 -19.31
C GLY A 322 14.12 16.25 -19.19
N ARG A 323 13.09 16.26 -20.02
CA ARG A 323 12.00 17.28 -20.03
C ARG A 323 10.77 16.70 -19.33
N VAL A 324 9.99 17.57 -18.67
CA VAL A 324 8.61 17.24 -18.20
C VAL A 324 7.73 17.14 -19.43
N PRO A 325 7.12 15.96 -19.72
CA PRO A 325 6.23 15.82 -20.87
C PRO A 325 5.23 16.99 -20.96
N MET A 326 5.03 17.53 -22.16
CA MET A 326 4.20 18.73 -22.44
C MET A 326 2.85 18.63 -21.72
N MET A 327 2.15 17.51 -21.89
CA MET A 327 0.77 17.31 -21.36
C MET A 327 0.81 17.19 -19.84
N ALA A 328 1.87 16.61 -19.27
CA ALA A 328 2.10 16.53 -17.82
C ALA A 328 2.12 17.93 -17.22
N GLU A 329 2.89 18.84 -17.83
CA GLU A 329 3.01 20.27 -17.41
C GLU A 329 1.65 20.95 -17.54
N GLU A 330 1.06 20.92 -18.74
CA GLU A 330 -0.26 21.56 -19.06
C GLU A 330 -1.27 21.22 -17.96
N ASN A 331 -1.40 19.94 -17.62
CA ASN A 331 -2.45 19.42 -16.70
C ASN A 331 -2.11 19.80 -15.26
N LEU A 332 -0.83 19.76 -14.87
CA LEU A 332 -0.37 20.16 -13.52
C LEU A 332 -0.77 21.62 -13.27
N LEU A 333 -0.54 22.49 -14.26
CA LEU A 333 -0.80 23.96 -14.16
C LEU A 333 -2.31 24.23 -14.23
N ALA A 334 -3.04 23.51 -15.08
CA ALA A 334 -4.51 23.62 -15.23
C ALA A 334 -5.18 23.19 -13.93
N ALA A 335 -4.66 22.14 -13.29
CA ALA A 335 -5.14 21.59 -12.00
C ALA A 335 -4.95 22.63 -10.89
N LYS A 336 -3.85 23.38 -10.93
CA LYS A 336 -3.55 24.46 -9.96
C LYS A 336 -4.57 25.58 -10.14
N ALA A 337 -4.79 26.01 -11.39
CA ALA A 337 -5.74 27.07 -11.78
C ALA A 337 -7.12 26.76 -11.19
N LEU A 338 -7.65 25.56 -11.45
CA LEU A 338 -8.98 25.10 -10.99
C LEU A 338 -9.04 25.16 -9.46
N GLU A 339 -7.96 24.73 -8.80
CA GLU A 339 -7.84 24.70 -7.31
C GLU A 339 -7.92 26.14 -6.80
N ASP A 340 -7.13 27.04 -7.40
CA ASP A 340 -7.05 28.48 -7.03
C ASP A 340 -8.43 29.12 -7.23
N GLU A 341 -9.01 28.94 -8.42
CA GLU A 341 -10.35 29.45 -8.81
C GLU A 341 -11.41 29.00 -7.78
N ALA A 342 -11.29 27.77 -7.29
CA ALA A 342 -12.24 27.15 -6.33
C ALA A 342 -12.06 27.72 -4.93
N ASN A 343 -10.81 28.07 -4.57
CA ASN A 343 -10.44 28.57 -3.21
C ASN A 343 -10.82 30.05 -3.06
N ARG A 344 -11.04 30.75 -4.18
CA ARG A 344 -11.61 32.12 -4.22
C ARG A 344 -13.15 32.04 -4.25
N LEU A 345 -13.70 31.06 -4.96
CA LEU A 345 -15.16 30.79 -5.07
C LEU A 345 -15.60 29.89 -3.91
N ASN B 2 -35.29 27.18 20.58
CA ASN B 2 -34.73 25.94 21.19
C ASN B 2 -35.86 25.18 21.91
N ASP B 3 -36.55 24.29 21.19
CA ASP B 3 -37.53 23.31 21.76
C ASP B 3 -36.79 21.99 22.04
N ASN B 4 -35.45 22.02 21.96
CA ASN B 4 -34.55 20.95 22.44
C ASN B 4 -34.68 20.84 23.97
N VAL B 5 -34.96 21.97 24.64
CA VAL B 5 -35.25 22.06 26.10
C VAL B 5 -36.51 21.25 26.42
N ALA B 6 -37.59 21.45 25.65
CA ALA B 6 -38.91 20.80 25.83
C ALA B 6 -38.77 19.27 25.66
N TRP B 7 -38.01 18.85 24.64
CA TRP B 7 -37.73 17.40 24.34
C TRP B 7 -37.00 16.74 25.50
N PHE B 8 -36.03 17.45 26.10
CA PHE B 8 -35.19 16.95 27.22
C PHE B 8 -36.06 16.75 28.47
N LYS B 9 -37.09 17.58 28.62
CA LYS B 9 -38.10 17.50 29.72
C LYS B 9 -38.84 16.16 29.65
N GLN B 10 -39.08 15.64 28.44
CA GLN B 10 -39.91 14.42 28.19
C GLN B 10 -39.04 13.23 27.74
N ALA B 11 -37.71 13.41 27.71
CA ALA B 11 -36.73 12.40 27.24
C ALA B 11 -36.71 11.20 28.20
N LYS B 12 -36.48 11.47 29.49
CA LYS B 12 -36.64 10.52 30.63
C LYS B 12 -35.48 9.51 30.67
N TYR B 13 -35.24 8.79 29.57
CA TYR B 13 -34.31 7.63 29.49
C TYR B 13 -33.27 7.89 28.40
N GLY B 14 -32.00 7.59 28.69
CA GLY B 14 -30.88 7.71 27.73
C GLY B 14 -29.82 6.65 27.96
N MET B 15 -29.12 6.23 26.90
CA MET B 15 -27.97 5.28 26.96
C MET B 15 -26.66 6.07 27.04
N MET B 16 -25.77 5.66 27.93
CA MET B 16 -24.37 6.16 28.04
C MET B 16 -23.43 5.05 27.58
N ILE B 17 -22.35 5.40 26.88
CA ILE B 17 -21.32 4.43 26.38
C ILE B 17 -19.96 4.84 26.95
N HIS B 18 -19.35 3.96 27.75
CA HIS B 18 -17.94 4.06 28.22
C HIS B 18 -17.09 3.03 27.48
N TRP B 19 -16.24 3.49 26.56
CA TRP B 19 -15.37 2.63 25.73
C TRP B 19 -14.03 3.33 25.48
N GLY B 20 -12.93 2.57 25.58
CA GLY B 20 -11.55 3.06 25.41
C GLY B 20 -10.55 1.93 25.55
N LEU B 21 -9.26 2.27 25.67
CA LEU B 21 -8.16 1.28 25.84
C LEU B 21 -8.35 0.52 27.15
N TYR B 22 -8.88 1.19 28.17
CA TYR B 22 -9.15 0.63 29.53
C TYR B 22 -10.07 -0.59 29.46
N SER B 23 -10.90 -0.66 28.42
CA SER B 23 -11.87 -1.76 28.18
C SER B 23 -11.14 -3.06 27.85
N LEU B 24 -9.94 -2.98 27.26
CA LEU B 24 -9.14 -4.17 26.84
C LEU B 24 -8.59 -4.88 28.10
N LEU B 25 -8.12 -4.10 29.07
CA LEU B 25 -7.55 -4.63 30.35
C LEU B 25 -8.68 -5.25 31.19
N ALA B 26 -9.87 -4.63 31.19
CA ALA B 26 -11.10 -5.16 31.80
C ALA B 26 -10.93 -5.34 33.32
N GLY B 27 -10.49 -4.26 33.99
CA GLY B 27 -10.40 -4.18 35.46
C GLY B 27 -9.35 -5.13 36.03
N GLU B 28 -8.38 -5.53 35.22
CA GLU B 28 -7.36 -6.56 35.56
C GLU B 28 -6.00 -6.06 35.05
N TYR B 29 -4.98 -6.03 35.92
CA TYR B 29 -3.60 -5.65 35.54
C TYR B 29 -2.58 -6.41 36.39
N ARG B 30 -1.79 -7.27 35.72
CA ARG B 30 -0.67 -8.03 36.32
C ARG B 30 -1.16 -8.77 37.57
N GLY B 31 -2.24 -9.53 37.42
CA GLY B 31 -2.76 -10.47 38.44
C GLY B 31 -3.50 -9.79 39.58
N GLU B 32 -3.75 -8.47 39.47
CA GLU B 32 -4.37 -7.64 40.54
C GLU B 32 -5.56 -6.87 39.96
N SER B 33 -6.53 -6.55 40.82
CA SER B 33 -7.86 -5.97 40.45
C SER B 33 -7.77 -4.44 40.39
N SER B 34 -8.51 -3.84 39.45
CA SER B 34 -8.76 -2.37 39.40
C SER B 34 -9.66 -1.99 40.58
N SER B 35 -9.88 -0.68 40.76
CA SER B 35 -10.89 -0.12 41.70
C SER B 35 -12.29 -0.49 41.20
N ALA B 36 -13.33 -0.01 41.90
CA ALA B 36 -14.75 -0.07 41.47
C ALA B 36 -14.85 0.42 40.01
N TYR B 37 -14.02 1.41 39.66
CA TYR B 37 -13.97 2.05 38.31
C TYR B 37 -12.80 1.47 37.52
N ALA B 38 -13.13 0.65 36.50
CA ALA B 38 -12.17 -0.07 35.64
C ALA B 38 -11.57 0.86 34.59
N GLU B 39 -12.25 1.98 34.30
CA GLU B 39 -11.79 3.00 33.32
C GLU B 39 -10.62 3.80 33.91
N TRP B 40 -10.52 3.83 35.24
CA TRP B 40 -9.48 4.58 36.01
C TRP B 40 -8.22 3.71 36.17
N ILE B 41 -8.13 2.59 35.45
CA ILE B 41 -7.09 1.55 35.68
C ILE B 41 -5.70 2.12 35.43
N GLN B 42 -5.53 3.03 34.46
CA GLN B 42 -4.18 3.59 34.13
C GLN B 42 -3.63 4.33 35.36
N SER B 43 -4.45 5.15 36.02
CA SER B 43 -4.09 5.90 37.25
C SER B 43 -3.91 4.93 38.42
N LYS B 44 -4.75 3.90 38.52
CA LYS B 44 -4.77 2.91 39.62
C LYS B 44 -3.40 2.23 39.75
N PHE B 45 -2.81 1.81 38.64
CA PHE B 45 -1.51 1.08 38.59
C PHE B 45 -0.40 1.96 38.01
N GLN B 46 -0.69 3.24 37.77
CA GLN B 46 0.26 4.25 37.22
C GLN B 46 0.96 3.66 36.00
N ILE B 47 0.18 3.10 35.07
CA ILE B 47 0.68 2.39 33.85
C ILE B 47 1.31 3.43 32.92
N PRO B 48 2.62 3.31 32.59
CA PRO B 48 3.27 4.24 31.66
C PRO B 48 2.48 4.41 30.36
N ASN B 49 2.37 5.66 29.88
CA ASN B 49 1.71 6.00 28.58
C ASN B 49 2.30 5.11 27.48
N ALA B 50 3.61 4.84 27.55
CA ALA B 50 4.36 3.91 26.66
C ALA B 50 3.61 2.57 26.55
N GLU B 51 3.33 1.96 27.70
CA GLU B 51 2.70 0.61 27.81
C GLU B 51 1.20 0.72 27.51
N TYR B 52 0.48 1.57 28.24
CA TYR B 52 -0.99 1.77 28.15
C TYR B 52 -1.36 2.09 26.70
N GLY B 53 -0.67 3.06 26.09
CA GLY B 53 -0.90 3.48 24.70
C GLY B 53 -0.80 2.31 23.73
N ASN B 54 0.10 1.36 24.00
CA ASN B 54 0.37 0.17 23.15
C ASN B 54 -0.89 -0.69 23.02
N LEU B 55 -1.80 -0.63 24.00
CA LEU B 55 -3.11 -1.34 23.97
C LEU B 55 -3.83 -1.05 22.64
N ALA B 56 -3.65 0.17 22.11
CA ALA B 56 -4.20 0.62 20.81
C ALA B 56 -3.92 -0.42 19.72
N THR B 57 -2.76 -1.08 19.75
CA THR B 57 -2.31 -2.07 18.75
C THR B 57 -3.19 -3.33 18.80
N ALA B 58 -3.81 -3.62 19.95
CA ALA B 58 -4.68 -4.80 20.17
C ALA B 58 -6.15 -4.45 19.90
N PHE B 59 -6.51 -3.16 19.97
CA PHE B 59 -7.90 -2.65 19.81
C PHE B 59 -8.40 -2.94 18.39
N ASN B 60 -9.12 -4.05 18.23
CA ASN B 60 -9.69 -4.50 16.93
C ASN B 60 -11.07 -5.10 17.17
N PRO B 61 -12.04 -4.30 17.69
CA PRO B 61 -13.35 -4.83 18.08
C PRO B 61 -14.19 -5.28 16.87
N LEU B 62 -14.11 -6.58 16.56
CA LEU B 62 -14.69 -7.20 15.34
C LEU B 62 -16.21 -7.08 15.35
N TYR B 63 -16.83 -7.15 16.53
CA TYR B 63 -18.30 -7.25 16.70
C TYR B 63 -18.91 -5.90 17.11
N PHE B 64 -18.17 -4.80 16.95
CA PHE B 64 -18.73 -3.44 17.13
C PHE B 64 -19.76 -3.18 16.04
N ASP B 65 -20.92 -2.64 16.41
CA ASP B 65 -22.05 -2.38 15.48
C ASP B 65 -22.97 -1.29 16.05
N ALA B 66 -22.71 -0.03 15.68
CA ALA B 66 -23.48 1.15 16.12
C ALA B 66 -24.98 0.92 15.92
N LYS B 67 -25.36 0.38 14.77
CA LYS B 67 -26.77 0.11 14.38
C LYS B 67 -27.48 -0.66 15.50
N LYS B 68 -26.89 -1.80 15.91
CA LYS B 68 -27.47 -2.71 16.92
C LYS B 68 -27.52 -2.02 18.29
N ILE B 69 -26.43 -1.36 18.68
CA ILE B 69 -26.30 -0.65 20.00
C ILE B 69 -27.46 0.35 20.13
N VAL B 70 -27.69 1.13 19.07
CA VAL B 70 -28.79 2.15 19.00
C VAL B 70 -30.14 1.42 19.01
N ALA B 71 -30.26 0.35 18.23
CA ALA B 71 -31.49 -0.48 18.09
C ALA B 71 -31.92 -1.00 19.48
N LEU B 72 -30.97 -1.52 20.25
CA LEU B 72 -31.19 -1.94 21.67
C LEU B 72 -31.73 -0.75 22.45
N ALA B 73 -30.99 0.36 22.46
CA ALA B 73 -31.32 1.62 23.19
C ALA B 73 -32.76 2.04 22.87
N LYS B 74 -33.11 2.06 21.58
CA LYS B 74 -34.45 2.47 21.07
C LYS B 74 -35.51 1.48 21.59
N GLN B 75 -35.19 0.18 21.64
CA GLN B 75 -36.13 -0.88 22.06
C GLN B 75 -36.39 -0.79 23.57
N CYS B 76 -35.44 -0.27 24.33
CA CYS B 76 -35.55 -0.04 25.81
C CYS B 76 -36.23 1.31 26.08
N GLY B 77 -36.50 2.09 25.04
CA GLY B 77 -37.29 3.34 25.10
C GLY B 77 -36.41 4.57 25.34
N MET B 78 -35.08 4.40 25.28
CA MET B 78 -34.10 5.50 25.48
C MET B 78 -34.17 6.44 24.26
N GLN B 79 -34.26 7.74 24.52
CA GLN B 79 -34.53 8.78 23.47
C GLN B 79 -33.24 9.43 23.00
N TYR B 80 -32.14 9.30 23.75
CA TYR B 80 -30.80 9.85 23.38
C TYR B 80 -29.69 8.90 23.82
N LEU B 81 -28.52 9.04 23.18
CA LEU B 81 -27.31 8.21 23.42
C LEU B 81 -26.10 9.13 23.62
N VAL B 82 -25.51 9.12 24.82
CA VAL B 82 -24.27 9.87 25.17
C VAL B 82 -23.09 8.90 25.08
N VAL B 83 -21.93 9.38 24.61
CA VAL B 83 -20.72 8.54 24.37
C VAL B 83 -19.46 9.30 24.80
N THR B 84 -18.45 8.58 25.27
CA THR B 84 -17.11 9.10 25.63
C THR B 84 -16.29 9.34 24.36
N THR B 85 -16.06 10.61 24.01
CA THR B 85 -15.17 11.04 22.90
C THR B 85 -13.71 10.86 23.36
N LYS B 86 -13.42 11.28 24.60
CA LYS B 86 -12.09 11.14 25.24
C LYS B 86 -12.27 11.14 26.77
N HIS B 87 -11.85 10.07 27.44
CA HIS B 87 -11.86 9.95 28.92
C HIS B 87 -10.54 10.51 29.48
N HIS B 88 -10.29 10.28 30.78
CA HIS B 88 -9.08 10.78 31.51
C HIS B 88 -7.80 10.22 30.89
N ASP B 89 -7.86 9.03 30.27
CA ASP B 89 -6.70 8.33 29.65
C ASP B 89 -6.10 9.19 28.53
N GLY B 90 -6.89 10.11 27.96
CA GLY B 90 -6.45 11.08 26.94
C GLY B 90 -6.62 10.55 25.53
N PHE B 91 -7.09 9.31 25.39
CA PHE B 91 -7.25 8.59 24.10
C PHE B 91 -8.62 8.95 23.51
N ALA B 92 -8.60 9.62 22.35
CA ALA B 92 -9.81 10.04 21.59
C ALA B 92 -10.39 8.82 20.86
N MET B 93 -11.72 8.66 20.91
CA MET B 93 -12.45 7.56 20.21
C MET B 93 -13.04 8.09 18.89
N TYR B 94 -12.51 9.21 18.40
CA TYR B 94 -12.86 9.83 17.09
C TYR B 94 -11.57 10.15 16.34
N HIS B 95 -11.69 10.58 15.08
CA HIS B 95 -10.57 10.88 14.15
C HIS B 95 -10.08 12.31 14.40
N SER B 96 -9.29 12.50 15.46
CA SER B 96 -8.79 13.82 15.93
C SER B 96 -7.62 14.28 15.05
N LYS B 97 -7.76 15.43 14.39
CA LYS B 97 -6.72 16.06 13.56
C LYS B 97 -5.60 16.62 14.46
N VAL B 98 -5.94 16.98 15.70
CA VAL B 98 -5.03 17.66 16.66
C VAL B 98 -4.07 16.64 17.29
N ASP B 99 -4.56 15.44 17.62
CA ASP B 99 -3.76 14.39 18.32
C ASP B 99 -3.97 13.04 17.62
N ALA B 100 -2.87 12.36 17.29
CA ALA B 100 -2.84 11.04 16.63
C ALA B 100 -3.08 9.91 17.64
N TYR B 101 -3.07 10.23 18.94
CA TYR B 101 -3.48 9.32 20.05
C TYR B 101 -5.00 9.19 20.02
N ASN B 102 -5.51 8.39 19.08
CA ASN B 102 -6.96 8.23 18.80
C ASN B 102 -7.22 6.88 18.11
N VAL B 103 -8.48 6.43 18.14
CA VAL B 103 -8.91 5.08 17.65
C VAL B 103 -8.59 4.92 16.17
N TYR B 104 -8.81 5.96 15.35
CA TYR B 104 -8.69 5.89 13.87
C TYR B 104 -7.23 5.69 13.47
N ASP B 105 -6.31 6.46 14.05
CA ASP B 105 -4.89 6.54 13.61
C ASP B 105 -4.06 5.45 14.30
N ALA B 106 -4.32 5.17 15.59
CA ALA B 106 -3.42 4.42 16.48
C ALA B 106 -3.78 2.93 16.55
N THR B 107 -4.90 2.50 15.96
CA THR B 107 -5.44 1.11 16.12
C THR B 107 -5.54 0.40 14.78
N PRO B 108 -5.48 -0.95 14.76
CA PRO B 108 -5.79 -1.73 13.56
C PRO B 108 -7.22 -1.49 13.04
N PHE B 109 -8.15 -1.26 13.98
CA PHE B 109 -9.60 -1.02 13.71
C PHE B 109 -9.74 0.08 12.64
N HIS B 110 -9.09 1.23 12.87
CA HIS B 110 -8.93 2.34 11.91
C HIS B 110 -10.29 2.90 11.50
N ARG B 111 -11.18 3.10 12.49
CA ARG B 111 -12.57 3.59 12.26
C ARG B 111 -12.97 4.58 13.36
N ASP B 112 -13.70 5.62 12.99
CA ASP B 112 -14.23 6.68 13.91
C ASP B 112 -15.53 6.17 14.53
N ILE B 113 -15.46 5.70 15.78
CA ILE B 113 -16.60 5.11 16.54
C ILE B 113 -17.66 6.19 16.79
N ILE B 114 -17.23 7.39 17.24
CA ILE B 114 -18.12 8.56 17.51
C ILE B 114 -18.94 8.82 16.24
N GLY B 115 -18.30 8.79 15.08
CA GLY B 115 -18.95 8.97 13.76
C GLY B 115 -20.08 7.96 13.56
N GLU B 116 -19.75 6.66 13.60
CA GLU B 116 -20.71 5.55 13.33
C GLU B 116 -21.93 5.69 14.23
N LEU B 117 -21.72 5.92 15.52
CA LEU B 117 -22.78 6.06 16.56
C LEU B 117 -23.64 7.30 16.23
N ALA B 118 -22.99 8.45 15.99
CA ALA B 118 -23.66 9.71 15.60
C ALA B 118 -24.62 9.44 14.44
N GLU B 119 -24.13 8.75 13.40
CA GLU B 119 -24.90 8.42 12.17
C GLU B 119 -26.03 7.45 12.53
N ALA B 120 -25.71 6.34 13.18
CA ALA B 120 -26.66 5.28 13.62
C ALA B 120 -27.84 5.93 14.37
N CYS B 121 -27.54 6.86 15.29
CA CYS B 121 -28.53 7.63 16.09
C CYS B 121 -29.44 8.44 15.16
N GLN B 122 -28.83 9.23 14.28
CA GLN B 122 -29.54 10.09 13.28
C GLN B 122 -30.55 9.24 12.49
N LYS B 123 -30.10 8.08 11.99
CA LYS B 123 -30.89 7.19 11.09
C LYS B 123 -32.01 6.50 11.88
N ALA B 124 -31.76 6.18 13.15
CA ALA B 124 -32.70 5.47 14.05
C ALA B 124 -33.67 6.46 14.70
N GLY B 125 -33.38 7.76 14.64
CA GLY B 125 -34.22 8.82 15.21
C GLY B 125 -34.01 8.97 16.71
N LEU B 126 -32.74 8.91 17.14
CA LEU B 126 -32.29 9.22 18.53
C LEU B 126 -31.42 10.48 18.49
N LYS B 127 -31.52 11.33 19.51
CA LYS B 127 -30.59 12.46 19.74
C LYS B 127 -29.21 11.89 20.08
N PHE B 128 -28.15 12.68 19.88
CA PHE B 128 -26.74 12.28 20.09
C PHE B 128 -26.06 13.26 21.05
N GLY B 129 -25.60 12.76 22.19
CA GLY B 129 -24.83 13.52 23.19
C GLY B 129 -23.35 13.15 23.17
N LEU B 130 -22.51 13.99 23.76
CA LEU B 130 -21.04 13.78 23.84
C LEU B 130 -20.55 14.02 25.27
N TYR B 131 -19.48 13.34 25.65
CA TYR B 131 -18.73 13.53 26.93
C TYR B 131 -17.25 13.74 26.60
N TYR B 132 -16.60 14.72 27.24
CA TYR B 132 -15.17 15.02 27.07
C TYR B 132 -14.54 15.44 28.41
N SER B 133 -13.46 14.75 28.81
CA SER B 133 -12.63 15.08 30.00
C SER B 133 -11.79 16.33 29.70
N GLN B 134 -12.33 17.52 30.01
CA GLN B 134 -11.73 18.83 29.66
C GLN B 134 -10.59 19.18 30.64
N ASP B 135 -10.54 18.51 31.80
CA ASP B 135 -9.53 18.80 32.87
C ASP B 135 -8.44 17.73 32.83
N LEU B 136 -8.79 16.48 33.12
CA LEU B 136 -7.83 15.36 33.30
C LEU B 136 -7.42 14.82 31.92
N ASP B 137 -6.11 14.65 31.70
CA ASP B 137 -5.53 14.02 30.49
C ASP B 137 -4.18 13.41 30.86
N TRP B 138 -4.14 12.09 31.08
CA TRP B 138 -2.96 11.36 31.59
C TRP B 138 -1.90 11.21 30.49
N HIS B 139 -2.30 11.32 29.22
CA HIS B 139 -1.39 11.24 28.05
C HIS B 139 -0.63 12.56 27.87
N ASP B 140 -1.21 13.67 28.31
CA ASP B 140 -0.66 15.05 28.13
C ASP B 140 0.33 15.35 29.26
N PRO B 141 1.57 15.79 28.93
CA PRO B 141 2.55 16.20 29.95
C PRO B 141 2.00 17.16 31.00
N ASN B 142 1.22 18.16 30.57
CA ASN B 142 0.60 19.20 31.44
C ASN B 142 -0.87 18.84 31.69
N GLY B 143 -1.16 17.55 31.87
CA GLY B 143 -2.50 17.03 32.19
C GLY B 143 -3.02 17.60 33.50
N GLY B 144 -4.32 17.89 33.57
CA GLY B 144 -4.95 18.55 34.72
C GLY B 144 -5.02 17.65 35.94
N GLY B 145 -5.15 18.26 37.13
CA GLY B 145 -5.35 17.58 38.42
C GLY B 145 -4.14 17.67 39.33
N TYR B 146 -3.02 18.21 38.84
CA TYR B 146 -1.68 18.19 39.50
C TYR B 146 -1.66 19.14 40.71
N LYS B 147 -2.61 20.08 40.79
CA LYS B 147 -2.77 21.02 41.92
C LYS B 147 -4.09 20.74 42.64
N SER B 148 -4.45 19.45 42.78
CA SER B 148 -5.73 19.00 43.37
C SER B 148 -5.63 17.53 43.84
N ASN B 149 -4.48 17.14 44.39
CA ASN B 149 -4.20 15.74 44.83
C ASN B 149 -4.42 15.59 46.34
N ASP B 150 -4.88 16.66 47.00
CA ASP B 150 -5.11 16.71 48.48
C ASP B 150 -6.34 15.86 48.85
N VAL B 151 -6.95 15.15 47.89
CA VAL B 151 -8.09 14.21 48.09
C VAL B 151 -7.81 12.91 47.32
N GLU B 152 -8.37 11.79 47.79
CA GLU B 152 -8.20 10.43 47.20
C GLU B 152 -9.11 10.28 45.96
N THR B 153 -8.75 9.35 45.07
CA THR B 153 -9.42 9.10 43.76
C THR B 153 -9.83 7.63 43.64
N ALA B 154 -10.29 7.22 42.46
CA ALA B 154 -10.56 5.81 42.07
C ALA B 154 -9.27 5.15 41.55
N GLY B 155 -8.21 5.95 41.36
CA GLY B 155 -6.86 5.47 41.01
C GLY B 155 -5.86 5.83 42.09
N THR B 156 -4.80 6.54 41.72
CA THR B 156 -3.80 7.14 42.65
C THR B 156 -3.99 8.66 42.67
N THR B 157 -3.21 9.38 41.85
CA THR B 157 -3.31 10.86 41.67
C THR B 157 -4.34 11.16 40.57
N TRP B 158 -4.85 12.40 40.54
CA TRP B 158 -5.81 12.89 39.51
C TRP B 158 -5.09 13.08 38.18
N ASP B 159 -3.83 13.51 38.23
CA ASP B 159 -2.96 13.77 37.05
C ASP B 159 -2.05 12.56 36.81
N ASN B 160 -1.33 12.54 35.68
CA ASN B 160 -0.26 11.55 35.40
C ASN B 160 1.00 11.99 36.14
N SER B 161 1.17 11.53 37.39
CA SER B 161 2.27 11.88 38.31
C SER B 161 3.45 10.93 38.15
N TRP B 162 3.35 9.93 37.28
CA TRP B 162 4.36 8.84 37.12
C TRP B 162 5.24 9.12 35.90
N ASP B 163 4.63 9.38 34.73
CA ASP B 163 5.36 9.75 33.48
C ASP B 163 5.90 11.18 33.61
N PHE B 164 5.18 12.05 34.32
CA PHE B 164 5.47 13.50 34.45
C PHE B 164 5.54 13.89 35.93
N PRO B 165 6.58 13.44 36.67
CA PRO B 165 6.74 13.79 38.08
C PRO B 165 7.44 15.15 38.27
N ASP B 166 6.76 16.24 37.91
CA ASP B 166 7.27 17.63 38.06
C ASP B 166 6.07 18.57 38.26
N GLU B 167 5.30 18.33 39.33
CA GLU B 167 4.11 19.15 39.71
C GLU B 167 4.49 20.63 39.82
N ASP B 168 5.71 20.91 40.32
CA ASP B 168 6.24 22.28 40.56
C ASP B 168 6.44 23.03 39.24
N GLN B 169 6.75 22.31 38.15
CA GLN B 169 7.05 22.90 36.81
C GLN B 169 6.03 22.43 35.77
N LYS B 170 4.77 22.27 36.18
CA LYS B 170 3.62 21.92 35.29
C LYS B 170 2.77 23.16 35.06
N ASN B 171 2.14 23.27 33.88
CA ASN B 171 1.30 24.44 33.47
C ASN B 171 0.19 23.96 32.51
N PHE B 172 -1.04 23.87 33.01
CA PHE B 172 -2.23 23.32 32.30
C PHE B 172 -2.56 24.17 31.06
N ASP B 173 -2.28 25.48 31.10
CA ASP B 173 -2.55 26.41 29.98
C ASP B 173 -1.97 25.82 28.68
N LEU B 174 -0.77 25.23 28.76
CA LEU B 174 -0.10 24.51 27.64
C LEU B 174 -1.03 23.43 27.08
N CYS B 175 -1.58 22.57 27.97
CA CYS B 175 -2.48 21.44 27.62
C CYS B 175 -3.79 21.96 26.99
N PHE B 176 -4.39 23.00 27.59
CA PHE B 176 -5.72 23.54 27.21
C PHE B 176 -5.70 24.11 25.79
N ASP B 177 -4.70 24.96 25.50
CA ASP B 177 -4.56 25.70 24.22
C ASP B 177 -4.24 24.73 23.08
N ASN B 178 -3.46 23.68 23.37
CA ASN B 178 -2.84 22.78 22.35
C ASN B 178 -3.74 21.58 22.06
N LYS B 179 -4.45 21.04 23.05
CA LYS B 179 -5.27 19.80 22.90
C LYS B 179 -6.75 20.09 23.21
N ILE B 180 -7.07 20.57 24.41
CA ILE B 180 -8.45 20.59 24.98
C ILE B 180 -9.38 21.41 24.07
N LEU B 181 -9.20 22.73 24.03
CA LEU B 181 -10.06 23.68 23.26
C LEU B 181 -10.16 23.22 21.81
N PRO B 182 -9.03 22.94 21.13
CA PRO B 182 -9.07 22.37 19.77
C PRO B 182 -9.91 21.09 19.60
N GLN B 183 -9.73 20.11 20.49
CA GLN B 183 -10.43 18.79 20.41
C GLN B 183 -11.93 18.97 20.65
N ILE B 184 -12.32 19.87 21.56
CA ILE B 184 -13.75 20.19 21.86
C ILE B 184 -14.38 20.79 20.60
N LYS B 185 -13.67 21.66 19.90
CA LYS B 185 -14.10 22.24 18.60
C LYS B 185 -14.36 21.11 17.60
N GLU B 186 -13.41 20.17 17.47
CA GLU B 186 -13.45 19.05 16.49
C GLU B 186 -14.78 18.29 16.62
N ILE B 187 -15.10 17.82 17.82
CA ILE B 187 -16.27 16.93 18.10
C ILE B 187 -17.57 17.74 17.96
N MET B 188 -17.55 19.03 18.29
CA MET B 188 -18.73 19.94 18.24
C MET B 188 -18.92 20.48 16.82
N SER B 189 -17.89 20.37 15.97
CA SER B 189 -17.91 20.83 14.54
C SER B 189 -18.44 19.71 13.65
N ASN B 190 -17.91 18.50 13.81
CA ASN B 190 -18.29 17.29 13.01
C ASN B 190 -19.40 16.54 13.76
N TYR B 191 -19.82 15.40 13.23
CA TYR B 191 -20.74 14.42 13.87
C TYR B 191 -22.13 15.06 14.07
N GLY B 192 -22.55 15.87 13.08
CA GLY B 192 -23.91 16.42 12.96
C GLY B 192 -24.36 17.19 14.20
N ASP B 193 -25.66 17.16 14.49
CA ASP B 193 -26.30 17.88 15.62
C ASP B 193 -25.92 17.19 16.93
N ILE B 194 -25.40 17.96 17.89
CA ILE B 194 -25.10 17.51 19.28
C ILE B 194 -26.18 18.09 20.20
N ALA B 195 -26.98 17.22 20.83
CA ALA B 195 -28.17 17.58 21.62
C ALA B 195 -27.81 17.76 23.11
N THR B 196 -26.74 17.11 23.57
CA THR B 196 -26.28 17.15 24.98
C THR B 196 -24.74 17.12 25.01
N ALA B 197 -24.14 17.79 26.00
CA ALA B 197 -22.67 17.87 26.21
C ALA B 197 -22.37 17.75 27.71
N TRP B 198 -21.77 16.61 28.12
CA TRP B 198 -21.46 16.29 29.53
C TRP B 198 -19.95 16.50 29.77
N PHE B 199 -19.61 17.33 30.75
CA PHE B 199 -18.22 17.67 31.15
C PHE B 199 -17.98 17.23 32.61
N ASP B 200 -16.71 17.11 32.99
CA ASP B 200 -16.29 16.79 34.39
C ASP B 200 -16.26 18.07 35.22
N VAL B 201 -16.34 17.93 36.54
CA VAL B 201 -16.09 19.03 37.52
C VAL B 201 -14.66 19.53 37.30
N PRO B 202 -14.47 20.79 36.85
CA PRO B 202 -13.12 21.37 36.76
C PRO B 202 -12.44 21.46 38.13
N MET B 203 -11.15 21.10 38.17
CA MET B 203 -10.29 21.13 39.38
C MET B 203 -9.10 22.05 39.11
N THR B 204 -8.45 21.88 37.95
CA THR B 204 -7.31 22.70 37.46
C THR B 204 -7.71 23.38 36.15
N LEU B 205 -8.77 24.19 36.18
CA LEU B 205 -9.32 24.94 35.02
C LEU B 205 -9.69 26.36 35.49
N SER B 206 -9.16 27.39 34.83
CA SER B 206 -9.47 28.82 35.11
C SER B 206 -10.91 29.12 34.67
N GLU B 207 -11.52 30.17 35.24
CA GLU B 207 -12.88 30.63 34.90
C GLU B 207 -12.93 30.99 33.41
N ALA B 208 -11.87 31.64 32.91
CA ALA B 208 -11.68 31.99 31.48
C ALA B 208 -11.84 30.74 30.63
N GLN B 209 -11.07 29.68 30.95
CA GLN B 209 -11.06 28.38 30.23
C GLN B 209 -12.44 27.72 30.30
N SER B 210 -13.13 27.86 31.45
CA SER B 210 -14.52 27.35 31.65
C SER B 210 -15.48 28.10 30.71
N GLN B 211 -15.45 29.42 30.73
CA GLN B 211 -16.29 30.30 29.86
C GLN B 211 -15.95 30.05 28.39
N THR B 212 -14.66 29.88 28.07
CA THR B 212 -14.15 29.58 26.70
C THR B 212 -14.93 28.41 26.11
N ILE B 213 -14.93 27.27 26.81
CA ILE B 213 -15.60 26.01 26.37
C ILE B 213 -17.09 26.30 26.13
N TYR B 214 -17.75 26.94 27.08
CA TYR B 214 -19.19 27.31 27.03
C TYR B 214 -19.48 28.04 25.72
N ASP B 215 -18.73 29.11 25.45
CA ASP B 215 -18.85 29.95 24.23
C ASP B 215 -18.58 29.10 22.99
N THR B 216 -17.53 28.27 23.04
CA THR B 216 -17.12 27.37 21.92
C THR B 216 -18.28 26.45 21.55
N VAL B 217 -18.94 25.86 22.54
CA VAL B 217 -20.11 24.93 22.34
C VAL B 217 -21.29 25.74 21.80
N ARG B 218 -21.57 26.91 22.38
CA ARG B 218 -22.68 27.80 21.97
C ARG B 218 -22.52 28.18 20.49
N GLU B 219 -21.33 28.62 20.09
CA GLU B 219 -21.01 29.12 18.72
C GLU B 219 -21.18 28.00 17.69
N LEU B 220 -20.82 26.76 18.06
CA LEU B 220 -20.77 25.58 17.15
C LEU B 220 -22.09 24.80 17.21
N GLN B 221 -22.64 24.59 18.41
CA GLN B 221 -23.87 23.78 18.66
C GLN B 221 -24.85 24.60 19.50
N PRO B 222 -25.56 25.58 18.91
CA PRO B 222 -26.44 26.46 19.68
C PRO B 222 -27.52 25.71 20.47
N ASN B 223 -28.14 24.71 19.84
CA ASN B 223 -29.28 23.94 20.41
C ASN B 223 -28.79 22.96 21.49
N CYS B 224 -27.48 22.70 21.55
CA CYS B 224 -26.86 21.74 22.51
C CYS B 224 -27.10 22.21 23.95
N LEU B 225 -27.69 21.35 24.78
CA LEU B 225 -27.85 21.54 26.24
C LEU B 225 -26.55 21.13 26.94
N ILE B 226 -26.04 21.99 27.82
CA ILE B 226 -24.71 21.84 28.49
C ILE B 226 -24.92 21.44 29.95
N ASN B 227 -24.07 20.55 30.46
CA ASN B 227 -24.11 19.96 31.82
C ASN B 227 -23.60 21.00 32.83
N SER B 228 -24.09 20.95 34.07
CA SER B 228 -23.81 21.92 35.17
C SER B 228 -22.35 21.79 35.64
N ARG B 229 -21.77 20.58 35.57
CA ARG B 229 -20.38 20.28 36.03
C ARG B 229 -19.42 21.35 35.52
N LEU B 230 -19.61 21.83 34.28
CA LEU B 230 -18.67 22.73 33.54
C LEU B 230 -18.41 24.02 34.33
N GLY B 231 -19.45 24.82 34.60
CA GLY B 231 -19.34 26.13 35.26
C GLY B 231 -20.65 26.62 35.84
N ASN B 232 -20.59 27.44 36.90
CA ASN B 232 -21.74 27.85 37.74
C ASN B 232 -22.73 28.72 36.95
N GLY B 233 -22.26 29.45 35.94
CA GLY B 233 -23.11 30.26 35.05
C GLY B 233 -22.91 29.87 33.60
N LYS B 234 -22.73 28.57 33.34
CA LYS B 234 -22.27 28.03 32.03
C LYS B 234 -22.96 26.68 31.75
N TYR B 235 -24.26 26.57 32.03
CA TYR B 235 -25.04 25.32 31.82
C TYR B 235 -26.53 25.61 31.57
N ASP B 236 -27.25 24.56 31.19
CA ASP B 236 -28.72 24.54 30.89
C ASP B 236 -29.42 23.60 31.88
N PHE B 237 -28.94 22.36 32.00
CA PHE B 237 -29.46 21.31 32.91
C PHE B 237 -28.39 20.92 33.93
N VAL B 238 -28.82 20.55 35.14
CA VAL B 238 -27.92 20.15 36.28
C VAL B 238 -27.81 18.63 36.32
N SER B 239 -26.59 18.11 36.54
CA SER B 239 -26.30 16.67 36.73
C SER B 239 -26.26 16.36 38.22
N LEU B 240 -27.23 15.57 38.71
CA LEU B 240 -27.34 15.12 40.12
C LEU B 240 -26.57 13.80 40.28
N GLY B 241 -25.73 13.70 41.31
CA GLY B 241 -24.80 12.58 41.51
C GLY B 241 -25.19 11.69 42.69
N ASP B 242 -26.29 10.94 42.54
CA ASP B 242 -26.69 9.81 43.44
C ASP B 242 -27.11 10.35 44.81
N ASN B 243 -26.19 11.03 45.51
CA ASN B 243 -26.40 11.60 46.87
C ASN B 243 -27.18 12.92 46.78
N GLU B 244 -27.49 13.41 45.57
CA GLU B 244 -28.26 14.66 45.33
C GLU B 244 -29.69 14.35 44.89
N ILE B 245 -30.12 13.08 45.01
CA ILE B 245 -31.45 12.59 44.55
C ILE B 245 -32.49 12.80 45.64
N SER B 268 -31.36 25.25 38.67
CA SER B 268 -31.70 24.91 37.27
C SER B 268 -32.77 25.87 36.76
N PRO B 269 -32.41 26.86 35.91
CA PRO B 269 -33.37 27.88 35.47
C PRO B 269 -34.40 27.35 34.46
N LEU B 270 -34.01 26.36 33.64
CA LEU B 270 -34.89 25.69 32.65
C LEU B 270 -35.70 24.60 33.35
N GLY B 271 -35.28 24.19 34.56
CA GLY B 271 -35.92 23.12 35.35
C GLY B 271 -35.56 21.75 34.81
N LEU B 272 -34.35 21.60 34.26
CA LEU B 272 -33.84 20.34 33.65
C LEU B 272 -32.86 19.67 34.63
N TYR B 273 -33.04 18.37 34.87
CA TYR B 273 -32.20 17.53 35.76
C TYR B 273 -31.90 16.21 35.06
N ALA B 274 -30.72 15.63 35.32
CA ALA B 274 -30.29 14.32 34.78
C ALA B 274 -29.31 13.64 35.74
N THR B 275 -29.43 12.32 35.89
CA THR B 275 -28.55 11.47 36.75
C THR B 275 -27.97 10.33 35.91
N ALA B 276 -26.65 10.27 35.82
CA ALA B 276 -25.90 9.15 35.19
C ALA B 276 -25.77 8.01 36.21
N GLY B 277 -25.97 6.78 35.75
CA GLY B 277 -25.81 5.55 36.54
C GLY B 277 -25.34 4.39 35.67
N THR B 278 -24.82 3.33 36.28
CA THR B 278 -24.34 2.11 35.58
C THR B 278 -25.21 0.92 35.96
N ILE B 279 -25.07 -0.18 35.22
CA ILE B 279 -25.85 -1.44 35.42
C ILE B 279 -25.14 -2.26 36.51
N ASN B 280 -23.81 -2.38 36.41
CA ASN B 280 -22.95 -2.92 37.50
C ASN B 280 -22.30 -1.75 38.23
N ASP B 281 -21.16 -1.95 38.89
CA ASP B 281 -20.53 -0.94 39.79
C ASP B 281 -19.42 -0.17 39.07
N SER B 282 -19.11 -0.53 37.82
CA SER B 282 -18.04 0.09 37.00
C SER B 282 -18.64 0.74 35.75
N TRP B 283 -18.05 1.84 35.29
CA TRP B 283 -18.43 2.54 34.03
C TRP B 283 -17.77 1.83 32.85
N GLY B 284 -16.44 1.72 32.86
CA GLY B 284 -15.67 0.91 31.91
C GLY B 284 -15.93 -0.57 32.16
N PHE B 285 -15.76 -1.40 31.13
CA PHE B 285 -16.00 -2.86 31.18
C PHE B 285 -15.02 -3.51 32.16
N SER B 286 -15.41 -4.62 32.80
CA SER B 286 -14.62 -5.35 33.83
C SER B 286 -15.11 -6.81 33.95
N TYR B 287 -14.19 -7.77 33.79
CA TYR B 287 -14.47 -9.23 33.86
C TYR B 287 -15.11 -9.57 35.21
N HIS B 288 -14.42 -9.17 36.29
CA HIS B 288 -14.71 -9.62 37.68
C HIS B 288 -15.97 -8.94 38.22
N ASP B 289 -16.38 -7.80 37.65
CA ASP B 289 -17.62 -7.08 38.08
C ASP B 289 -18.84 -7.70 37.40
N GLN B 290 -19.49 -8.63 38.10
CA GLN B 290 -20.73 -9.33 37.67
C GLN B 290 -21.90 -8.88 38.53
N ASN B 291 -21.76 -7.75 39.24
CA ASN B 291 -22.79 -7.23 40.20
C ASN B 291 -23.82 -6.40 39.43
N TRP B 292 -24.50 -7.02 38.46
CA TRP B 292 -25.49 -6.38 37.56
C TRP B 292 -26.77 -6.09 38.35
N LYS B 293 -27.18 -4.81 38.41
CA LYS B 293 -28.46 -4.38 39.03
C LYS B 293 -29.59 -5.17 38.38
N THR B 294 -30.49 -5.73 39.20
CA THR B 294 -31.61 -6.61 38.77
C THR B 294 -32.50 -5.82 37.81
N PRO B 295 -33.27 -6.49 36.93
CA PRO B 295 -34.27 -5.79 36.10
C PRO B 295 -35.15 -4.88 36.96
N ARG B 296 -35.61 -5.38 38.11
CA ARG B 296 -36.53 -4.66 39.04
C ARG B 296 -35.88 -3.35 39.50
N THR B 297 -34.61 -3.39 39.90
CA THR B 297 -33.83 -2.23 40.41
C THR B 297 -33.75 -1.15 39.33
N LEU B 298 -33.40 -1.52 38.09
CA LEU B 298 -33.23 -0.58 36.95
C LEU B 298 -34.54 0.16 36.69
N TYR B 299 -35.64 -0.58 36.57
CA TYR B 299 -37.01 -0.04 36.34
C TYR B 299 -37.40 0.89 37.48
N ARG B 300 -37.27 0.41 38.73
CA ARG B 300 -37.70 1.14 39.96
C ARG B 300 -36.92 2.45 40.08
N TYR B 301 -35.61 2.44 39.81
CA TYR B 301 -34.74 3.66 39.91
C TYR B 301 -35.15 4.64 38.81
N LYS B 302 -35.32 4.16 37.58
CA LYS B 302 -35.82 4.96 36.42
C LYS B 302 -37.15 5.63 36.82
N GLN B 303 -38.07 4.84 37.38
CA GLN B 303 -39.42 5.29 37.82
C GLN B 303 -39.26 6.45 38.79
N HIS B 304 -38.46 6.26 39.85
CA HIS B 304 -38.20 7.25 40.93
C HIS B 304 -37.67 8.55 40.33
N LEU B 305 -36.62 8.47 39.50
CA LEU B 305 -35.95 9.66 38.89
C LEU B 305 -36.92 10.42 37.98
N ASN B 306 -37.65 9.69 37.12
CA ASN B 306 -38.62 10.27 36.16
C ASN B 306 -39.76 10.95 36.93
N ASP B 307 -40.21 10.36 38.03
CA ASP B 307 -41.30 10.89 38.89
C ASP B 307 -40.87 12.21 39.54
N PHE B 308 -39.57 12.40 39.78
CA PHE B 308 -38.97 13.63 40.35
C PHE B 308 -38.38 14.51 39.24
N GLY B 309 -38.83 14.31 38.00
CA GLY B 309 -38.43 15.11 36.82
C GLY B 309 -36.92 15.10 36.59
N ILE B 310 -36.30 13.92 36.72
CA ILE B 310 -34.84 13.69 36.49
C ILE B 310 -34.69 12.66 35.37
N ASN B 311 -33.90 12.97 34.34
CA ASN B 311 -33.57 12.03 33.24
C ASN B 311 -32.59 10.98 33.77
N TYR B 312 -32.85 9.70 33.48
CA TYR B 312 -31.98 8.56 33.84
C TYR B 312 -31.08 8.23 32.65
N LEU B 313 -29.78 8.53 32.78
CA LEU B 313 -28.73 8.17 31.80
C LEU B 313 -28.03 6.90 32.28
N LEU B 314 -28.42 5.74 31.73
CA LEU B 314 -27.94 4.40 32.15
C LEU B 314 -26.79 3.96 31.25
N ASN B 315 -25.62 3.66 31.85
CA ASN B 315 -24.35 3.43 31.12
C ASN B 315 -24.16 1.95 30.78
N VAL B 316 -23.75 1.68 29.54
CA VAL B 316 -23.25 0.37 29.05
C VAL B 316 -21.74 0.51 28.81
N GLY B 317 -20.93 -0.37 29.40
CA GLY B 317 -19.46 -0.42 29.21
C GLY B 317 -19.09 -1.49 28.21
N LEU B 318 -18.81 -1.10 26.96
CA LEU B 318 -18.53 -2.05 25.84
C LEU B 318 -17.25 -2.83 26.15
N ASP B 319 -17.21 -4.10 25.76
CA ASP B 319 -16.12 -5.07 26.05
C ASP B 319 -15.07 -5.00 24.93
N PRO B 320 -13.95 -5.75 25.03
CA PRO B 320 -12.87 -5.65 24.04
C PRO B 320 -13.29 -5.85 22.57
N LEU B 321 -14.33 -6.63 22.31
CA LEU B 321 -14.85 -6.90 20.94
C LEU B 321 -15.92 -5.88 20.56
N GLY B 322 -16.18 -4.89 21.43
CA GLY B 322 -17.15 -3.81 21.19
C GLY B 322 -18.59 -4.31 21.25
N ARG B 323 -18.84 -5.30 22.11
CA ARG B 323 -20.19 -5.88 22.34
C ARG B 323 -20.77 -5.32 23.63
N VAL B 324 -22.10 -5.16 23.69
CA VAL B 324 -22.85 -4.90 24.95
C VAL B 324 -22.78 -6.19 25.77
N PRO B 325 -22.19 -6.19 26.98
CA PRO B 325 -22.15 -7.38 27.82
C PRO B 325 -23.52 -8.07 27.90
N MET B 326 -23.53 -9.40 27.77
CA MET B 326 -24.76 -10.23 27.70
C MET B 326 -25.76 -9.82 28.79
N MET B 327 -25.30 -9.74 30.05
CA MET B 327 -26.17 -9.49 31.23
C MET B 327 -26.67 -8.04 31.21
N ALA B 328 -25.86 -7.10 30.70
CA ALA B 328 -26.25 -5.69 30.50
C ALA B 328 -27.48 -5.62 29.60
N GLU B 329 -27.44 -6.31 28.45
CA GLU B 329 -28.55 -6.39 27.47
C GLU B 329 -29.77 -7.04 28.11
N GLU B 330 -29.61 -8.25 28.66
CA GLU B 330 -30.70 -9.04 29.31
C GLU B 330 -31.49 -8.14 30.27
N ASN B 331 -30.79 -7.43 31.15
CA ASN B 331 -31.38 -6.63 32.25
C ASN B 331 -32.03 -5.37 31.69
N LEU B 332 -31.42 -4.73 30.70
CA LEU B 332 -31.99 -3.53 30.02
C LEU B 332 -33.36 -3.88 29.44
N LEU B 333 -33.46 -5.03 28.76
CA LEU B 333 -34.69 -5.49 28.07
C LEU B 333 -35.73 -5.96 29.08
N ALA B 334 -35.30 -6.67 30.14
CA ALA B 334 -36.16 -7.16 31.24
C ALA B 334 -36.75 -5.96 31.98
N ALA B 335 -35.96 -4.91 32.18
CA ALA B 335 -36.37 -3.64 32.85
C ALA B 335 -37.44 -2.94 32.02
N LYS B 336 -37.32 -2.99 30.69
CA LYS B 336 -38.31 -2.41 29.75
C LYS B 336 -39.62 -3.17 29.88
N ALA B 337 -39.55 -4.51 29.83
CA ALA B 337 -40.71 -5.43 29.95
C ALA B 337 -41.52 -5.08 31.21
N LEU B 338 -40.85 -5.03 32.37
CA LEU B 338 -41.49 -4.73 33.68
C LEU B 338 -42.17 -3.36 33.63
N GLU B 339 -41.51 -2.38 33.02
CA GLU B 339 -42.01 -0.99 32.88
C GLU B 339 -43.28 -1.02 32.02
N ASP B 340 -43.23 -1.70 30.88
CA ASP B 340 -44.35 -1.85 29.92
C ASP B 340 -45.53 -2.55 30.61
N GLU B 341 -45.26 -3.69 31.24
CA GLU B 341 -46.26 -4.50 31.99
C GLU B 341 -46.96 -3.63 33.04
N ALA B 342 -46.21 -2.74 33.69
CA ALA B 342 -46.69 -1.86 34.78
C ALA B 342 -47.55 -0.72 34.21
N ASN B 343 -47.23 -0.24 33.01
CA ASN B 343 -47.90 0.91 32.33
C ASN B 343 -49.23 0.46 31.72
N ARG B 344 -49.41 -0.85 31.52
CA ARG B 344 -50.71 -1.47 31.12
C ARG B 344 -51.53 -1.80 32.37
N LEU B 345 -50.85 -2.24 33.45
CA LEU B 345 -51.47 -2.55 34.77
C LEU B 345 -51.55 -1.27 35.62
N ASN C 2 17.15 2.04 -70.42
CA ASN C 2 16.55 2.35 -69.08
C ASN C 2 15.21 1.60 -68.96
N ASP C 3 15.26 0.36 -68.44
CA ASP C 3 14.07 -0.44 -68.04
C ASP C 3 13.79 -0.19 -66.55
N ASN C 4 14.47 0.80 -65.96
CA ASN C 4 14.18 1.37 -64.61
C ASN C 4 12.80 2.05 -64.67
N VAL C 5 12.42 2.59 -65.83
CA VAL C 5 11.09 3.19 -66.12
C VAL C 5 10.01 2.11 -65.97
N ALA C 6 10.21 0.95 -66.61
CA ALA C 6 9.27 -0.19 -66.63
C ALA C 6 9.06 -0.73 -65.21
N TRP C 7 10.14 -0.85 -64.43
CA TRP C 7 10.13 -1.33 -63.02
C TRP C 7 9.31 -0.38 -62.15
N PHE C 8 9.45 0.94 -62.36
CA PHE C 8 8.74 2.00 -61.58
C PHE C 8 7.24 1.93 -61.86
N LYS C 9 6.87 1.52 -63.08
CA LYS C 9 5.45 1.32 -63.50
C LYS C 9 4.79 0.23 -62.65
N GLN C 10 5.56 -0.79 -62.24
CA GLN C 10 5.04 -1.99 -61.52
C GLN C 10 5.51 -2.00 -60.05
N ALA C 11 6.20 -0.94 -59.60
CA ALA C 11 6.76 -0.82 -58.23
C ALA C 11 5.64 -0.73 -57.20
N LYS C 12 4.74 0.25 -57.37
CA LYS C 12 3.43 0.38 -56.64
C LYS C 12 3.65 0.90 -55.22
N TYR C 13 4.48 0.21 -54.42
CA TYR C 13 4.66 0.45 -52.96
C TYR C 13 6.13 0.75 -52.67
N GLY C 14 6.39 1.76 -51.84
CA GLY C 14 7.75 2.16 -51.40
C GLY C 14 7.75 2.70 -49.99
N MET C 15 8.86 2.52 -49.26
CA MET C 15 9.06 3.09 -47.90
C MET C 15 9.82 4.42 -48.01
N MET C 16 9.35 5.43 -47.27
CA MET C 16 10.04 6.74 -47.10
C MET C 16 10.57 6.80 -45.66
N ILE C 17 11.76 7.39 -45.46
CA ILE C 17 12.38 7.55 -44.11
C ILE C 17 12.64 9.04 -43.87
N HIS C 18 12.01 9.61 -42.84
CA HIS C 18 12.29 10.97 -42.32
C HIS C 18 13.02 10.85 -40.99
N TRP C 19 14.31 11.18 -40.98
CA TRP C 19 15.19 11.09 -39.79
C TRP C 19 16.20 12.23 -39.79
N GLY C 20 16.42 12.84 -38.63
CA GLY C 20 17.34 13.98 -38.42
C GLY C 20 17.37 14.42 -36.96
N LEU C 21 17.95 15.58 -36.68
CA LEU C 21 18.04 16.15 -35.31
C LEU C 21 16.63 16.44 -34.77
N TYR C 22 15.70 16.83 -35.66
CA TYR C 22 14.28 17.15 -35.34
C TYR C 22 13.59 15.95 -34.68
N SER C 23 14.06 14.74 -34.95
CA SER C 23 13.52 13.47 -34.40
C SER C 23 13.78 13.38 -32.89
N LEU C 24 14.85 14.00 -32.39
CA LEU C 24 15.24 13.96 -30.95
C LEU C 24 14.25 14.79 -30.14
N LEU C 25 13.85 15.96 -30.64
CA LEU C 25 12.89 16.88 -29.98
C LEU C 25 11.49 16.26 -29.97
N ALA C 26 11.11 15.56 -31.05
CA ALA C 26 9.88 14.75 -31.16
C ALA C 26 8.64 15.63 -30.98
N GLY C 27 8.55 16.71 -31.77
CA GLY C 27 7.38 17.60 -31.86
C GLY C 27 7.12 18.36 -30.56
N GLU C 28 8.15 18.51 -29.72
CA GLU C 28 8.05 19.12 -28.37
C GLU C 28 9.24 20.06 -28.19
N TYR C 29 8.99 21.32 -27.82
CA TYR C 29 10.05 22.31 -27.51
C TYR C 29 9.60 23.27 -26.40
N ARG C 30 10.28 23.20 -25.26
CA ARG C 30 10.08 24.10 -24.09
C ARG C 30 8.60 24.12 -23.69
N GLY C 31 8.02 22.94 -23.50
CA GLY C 31 6.67 22.73 -22.94
C GLY C 31 5.55 23.03 -23.93
N GLU C 32 5.89 23.26 -25.21
CA GLU C 32 4.93 23.66 -26.28
C GLU C 32 5.08 22.73 -27.49
N SER C 33 3.99 22.54 -28.24
CA SER C 33 3.85 21.55 -29.34
C SER C 33 4.37 22.14 -30.66
N SER C 34 4.98 21.30 -31.49
CA SER C 34 5.31 21.60 -32.91
C SER C 34 4.01 21.68 -33.71
N SER C 35 4.12 22.09 -34.97
CA SER C 35 3.01 22.04 -35.97
C SER C 35 2.68 20.57 -36.27
N ALA C 36 1.75 20.33 -37.19
CA ALA C 36 1.44 18.99 -37.75
C ALA C 36 2.76 18.32 -38.19
N TYR C 37 3.71 19.11 -38.67
CA TYR C 37 5.04 18.68 -39.16
C TYR C 37 6.10 18.93 -38.08
N ALA C 38 6.57 17.85 -37.46
CA ALA C 38 7.55 17.86 -36.34
C ALA C 38 8.97 18.10 -36.86
N GLU C 39 9.21 17.84 -38.15
CA GLU C 39 10.53 18.03 -38.81
C GLU C 39 10.78 19.53 -39.02
N TRP C 40 9.71 20.33 -39.07
CA TRP C 40 9.76 21.80 -39.28
C TRP C 40 9.97 22.53 -37.94
N ILE C 41 10.30 21.80 -36.87
CA ILE C 41 10.29 22.35 -35.48
C ILE C 41 11.31 23.50 -35.35
N GLN C 42 12.46 23.43 -36.04
CA GLN C 42 13.51 24.48 -35.92
C GLN C 42 12.94 25.83 -36.37
N SER C 43 12.23 25.85 -37.50
CA SER C 43 11.57 27.06 -38.07
C SER C 43 10.40 27.48 -37.17
N LYS C 44 9.64 26.50 -36.64
CA LYS C 44 8.43 26.72 -35.82
C LYS C 44 8.76 27.60 -34.61
N PHE C 45 9.85 27.30 -33.91
CA PHE C 45 10.28 28.00 -32.66
C PHE C 45 11.53 28.84 -32.92
N GLN C 46 11.96 28.96 -34.18
CA GLN C 46 13.14 29.76 -34.62
C GLN C 46 14.33 29.43 -33.72
N ILE C 47 14.61 28.14 -33.54
CA ILE C 47 15.67 27.61 -32.63
C ILE C 47 17.02 27.98 -33.23
N PRO C 48 17.87 28.74 -32.52
CA PRO C 48 19.21 29.08 -33.01
C PRO C 48 19.99 27.84 -33.48
N ASN C 49 20.70 27.94 -34.60
CA ASN C 49 21.58 26.87 -35.15
C ASN C 49 22.53 26.41 -34.05
N ALA C 50 23.00 27.34 -33.22
CA ALA C 50 23.85 27.11 -32.02
C ALA C 50 23.22 25.99 -31.15
N GLU C 51 21.96 26.16 -30.78
CA GLU C 51 21.21 25.25 -29.88
C GLU C 51 20.79 23.99 -30.63
N TYR C 52 20.08 24.15 -31.75
CA TYR C 52 19.52 23.05 -32.59
C TYR C 52 20.67 22.10 -32.98
N GLY C 53 21.76 22.65 -33.51
CA GLY C 53 22.96 21.89 -33.91
C GLY C 53 23.49 21.02 -32.79
N ASN C 54 23.41 21.50 -31.55
CA ASN C 54 23.93 20.82 -30.33
C ASN C 54 23.22 19.47 -30.13
N LEU C 55 21.98 19.33 -30.64
CA LEU C 55 21.22 18.04 -30.61
C LEU C 55 22.09 16.90 -31.14
N ALA C 56 22.95 17.18 -32.12
CA ALA C 56 23.92 16.24 -32.71
C ALA C 56 24.68 15.48 -31.62
N THR C 57 24.99 16.16 -30.50
CA THR C 57 25.79 15.60 -29.37
C THR C 57 24.99 14.50 -28.65
N ALA C 58 23.66 14.54 -28.73
CA ALA C 58 22.76 13.55 -28.08
C ALA C 58 22.41 12.41 -29.05
N PHE C 59 22.54 12.64 -30.36
CA PHE C 59 22.16 11.69 -31.44
C PHE C 59 23.05 10.44 -31.35
N ASN C 60 22.55 9.39 -30.68
CA ASN C 60 23.27 8.10 -30.49
C ASN C 60 22.26 6.95 -30.60
N PRO C 61 21.61 6.78 -31.78
CA PRO C 61 20.54 5.79 -31.93
C PRO C 61 21.03 4.35 -31.85
N LEU C 62 20.99 3.77 -30.64
CA LEU C 62 21.58 2.44 -30.31
C LEU C 62 20.90 1.33 -31.10
N TYR C 63 19.60 1.47 -31.36
CA TYR C 63 18.74 0.40 -31.93
C TYR C 63 18.48 0.65 -33.44
N PHE C 64 19.25 1.52 -34.08
CA PHE C 64 19.22 1.70 -35.55
C PHE C 64 19.75 0.43 -36.21
N ASP C 65 19.05 -0.07 -37.23
CA ASP C 65 19.38 -1.33 -37.93
C ASP C 65 18.78 -1.32 -39.35
N ALA C 66 19.56 -0.87 -40.33
CA ALA C 66 19.16 -0.78 -41.75
C ALA C 66 18.58 -2.12 -42.22
N LYS C 67 19.22 -3.23 -41.86
CA LYS C 67 18.83 -4.61 -42.25
C LYS C 67 17.35 -4.83 -41.93
N LYS C 68 16.96 -4.59 -40.67
CA LYS C 68 15.58 -4.81 -40.15
C LYS C 68 14.59 -3.86 -40.86
N ILE C 69 14.94 -2.58 -40.98
CA ILE C 69 14.08 -1.52 -41.60
C ILE C 69 13.72 -1.97 -43.02
N VAL C 70 14.72 -2.42 -43.78
CA VAL C 70 14.55 -2.93 -45.19
C VAL C 70 13.73 -4.22 -45.14
N ALA C 71 14.04 -5.13 -44.21
CA ALA C 71 13.37 -6.43 -44.03
C ALA C 71 11.86 -6.22 -43.82
N LEU C 72 11.49 -5.27 -42.95
CA LEU C 72 10.09 -4.83 -42.73
C LEU C 72 9.50 -4.40 -44.07
N ALA C 73 10.13 -3.42 -44.72
CA ALA C 73 9.71 -2.83 -46.01
C ALA C 73 9.43 -3.95 -47.03
N LYS C 74 10.37 -4.89 -47.16
CA LYS C 74 10.30 -6.04 -48.11
C LYS C 74 9.11 -6.94 -47.73
N GLN C 75 8.86 -7.14 -46.44
CA GLN C 75 7.78 -8.02 -45.93
C GLN C 75 6.40 -7.40 -46.20
N CYS C 76 6.34 -6.06 -46.25
CA CYS C 76 5.11 -5.28 -46.56
C CYS C 76 4.92 -5.16 -48.08
N GLY C 77 5.90 -5.64 -48.87
CA GLY C 77 5.82 -5.73 -50.33
C GLY C 77 6.36 -4.49 -51.03
N MET C 78 6.97 -3.58 -50.28
CA MET C 78 7.56 -2.31 -50.81
C MET C 78 8.81 -2.66 -51.63
N GLN C 79 8.91 -2.12 -52.85
CA GLN C 79 9.96 -2.50 -53.84
C GLN C 79 11.13 -1.53 -53.83
N TYR C 80 10.97 -0.34 -53.22
CA TYR C 80 12.05 0.68 -53.10
C TYR C 80 11.92 1.42 -51.76
N LEU C 81 13.04 2.03 -51.34
CA LEU C 81 13.17 2.78 -50.06
C LEU C 81 13.80 4.14 -50.35
N VAL C 82 13.06 5.23 -50.12
CA VAL C 82 13.56 6.63 -50.24
C VAL C 82 13.91 7.14 -48.84
N VAL C 83 14.96 7.94 -48.71
CA VAL C 83 15.49 8.43 -47.40
C VAL C 83 15.92 9.89 -47.54
N THR C 84 15.79 10.66 -46.45
CA THR C 84 16.24 12.07 -46.33
C THR C 84 17.76 12.10 -46.12
N THR C 85 18.51 12.55 -47.13
CA THR C 85 19.97 12.80 -47.05
C THR C 85 20.20 14.07 -46.25
N LYS C 86 19.41 15.12 -46.54
CA LYS C 86 19.44 16.44 -45.85
C LYS C 86 18.07 17.10 -46.00
N HIS C 87 17.40 17.40 -44.89
CA HIS C 87 16.12 18.15 -44.84
C HIS C 87 16.40 19.65 -44.76
N HIS C 88 15.37 20.46 -44.50
CA HIS C 88 15.45 21.95 -44.43
C HIS C 88 16.41 22.39 -43.33
N ASP C 89 16.57 21.57 -42.27
CA ASP C 89 17.43 21.87 -41.09
C ASP C 89 18.89 22.04 -41.53
N GLY C 90 19.27 21.47 -42.69
CA GLY C 90 20.60 21.62 -43.31
C GLY C 90 21.57 20.54 -42.85
N PHE C 91 21.12 19.66 -41.94
CA PHE C 91 21.93 18.57 -41.33
C PHE C 91 21.90 17.35 -42.24
N ALA C 92 23.07 16.98 -42.79
CA ALA C 92 23.26 15.81 -43.67
C ALA C 92 23.29 14.53 -42.82
N MET C 93 22.58 13.49 -43.28
CA MET C 93 22.54 12.16 -42.61
C MET C 93 23.52 11.20 -43.29
N TYR C 94 24.49 11.74 -44.03
CA TYR C 94 25.61 11.00 -44.69
C TYR C 94 26.93 11.70 -44.35
N HIS C 95 28.05 11.08 -44.74
CA HIS C 95 29.44 11.55 -44.46
C HIS C 95 29.84 12.59 -45.51
N SER C 96 29.36 13.82 -45.37
CA SER C 96 29.56 14.94 -46.33
C SER C 96 30.97 15.53 -46.17
N LYS C 97 31.78 15.48 -47.23
CA LYS C 97 33.15 16.06 -47.29
C LYS C 97 33.05 17.60 -47.31
N VAL C 98 31.95 18.14 -47.83
CA VAL C 98 31.74 19.60 -48.06
C VAL C 98 31.38 20.29 -46.74
N ASP C 99 30.54 19.66 -45.91
CA ASP C 99 30.02 20.26 -44.65
C ASP C 99 30.15 19.24 -43.51
N ALA C 100 30.73 19.66 -42.39
CA ALA C 100 30.95 18.84 -41.16
C ALA C 100 29.67 18.79 -40.32
N TYR C 101 28.66 19.60 -40.66
CA TYR C 101 27.29 19.55 -40.09
C TYR C 101 26.58 18.33 -40.67
N ASN C 102 26.92 17.15 -40.14
CA ASN C 102 26.44 15.83 -40.65
C ASN C 102 26.53 14.78 -39.53
N VAL C 103 25.81 13.67 -39.72
CA VAL C 103 25.64 12.58 -38.69
C VAL C 103 27.00 11.97 -38.34
N TYR C 104 27.87 11.75 -39.33
CA TYR C 104 29.16 11.02 -39.15
C TYR C 104 30.12 11.84 -38.28
N ASP C 105 30.26 13.14 -38.59
CA ASP C 105 31.31 14.02 -37.98
C ASP C 105 30.80 14.62 -36.66
N ALA C 106 29.52 15.02 -36.59
CA ALA C 106 28.98 15.91 -35.55
C ALA C 106 28.34 15.13 -34.39
N THR C 107 28.20 13.80 -34.50
CA THR C 107 27.43 12.97 -33.52
C THR C 107 28.34 11.92 -32.87
N PRO C 108 28.01 11.46 -31.65
CA PRO C 108 28.65 10.29 -31.04
C PRO C 108 28.50 9.02 -31.89
N PHE C 109 27.35 8.89 -32.56
CA PHE C 109 26.97 7.73 -33.42
C PHE C 109 28.11 7.45 -34.41
N HIS C 110 28.53 8.49 -35.15
CA HIS C 110 29.74 8.51 -36.02
C HIS C 110 29.60 7.45 -37.12
N ARG C 111 28.42 7.37 -37.75
CA ARG C 111 28.10 6.36 -38.80
C ARG C 111 27.25 7.01 -39.91
N ASP C 112 27.52 6.63 -41.16
CA ASP C 112 26.79 7.10 -42.37
C ASP C 112 25.53 6.26 -42.54
N ILE C 113 24.38 6.82 -42.14
CA ILE C 113 23.05 6.14 -42.17
C ILE C 113 22.65 5.87 -43.63
N ILE C 114 22.80 6.87 -44.50
CA ILE C 114 22.49 6.75 -45.96
C ILE C 114 23.25 5.54 -46.53
N GLY C 115 24.52 5.40 -46.16
CA GLY C 115 25.38 4.26 -46.55
C GLY C 115 24.76 2.93 -46.16
N GLU C 116 24.51 2.73 -44.85
CA GLU C 116 24.00 1.45 -44.29
C GLU C 116 22.71 1.04 -45.01
N LEU C 117 21.77 1.99 -45.16
CA LEU C 117 20.46 1.77 -45.83
C LEU C 117 20.67 1.40 -47.30
N ALA C 118 21.49 2.18 -48.02
CA ALA C 118 21.86 1.93 -49.43
C ALA C 118 22.33 0.48 -49.57
N GLU C 119 23.25 0.05 -48.70
CA GLU C 119 23.84 -1.31 -48.70
C GLU C 119 22.74 -2.33 -48.37
N ALA C 120 22.03 -2.14 -47.27
CA ALA C 120 20.93 -3.03 -46.78
C ALA C 120 19.94 -3.29 -47.92
N CYS C 121 19.56 -2.24 -48.65
CA CYS C 121 18.63 -2.29 -49.81
C CYS C 121 19.22 -3.17 -50.91
N GLN C 122 20.47 -2.89 -51.31
CA GLN C 122 21.23 -3.65 -52.36
C GLN C 122 21.21 -5.15 -52.02
N LYS C 123 21.52 -5.50 -50.77
CA LYS C 123 21.67 -6.91 -50.30
C LYS C 123 20.30 -7.59 -50.22
N ALA C 124 19.25 -6.84 -49.87
CA ALA C 124 17.87 -7.34 -49.71
C ALA C 124 17.14 -7.37 -51.07
N GLY C 125 17.69 -6.72 -52.08
CA GLY C 125 17.11 -6.66 -53.45
C GLY C 125 15.98 -5.64 -53.53
N LEU C 126 16.18 -4.46 -52.93
CA LEU C 126 15.29 -3.28 -53.05
C LEU C 126 16.06 -2.16 -53.76
N LYS C 127 15.38 -1.38 -54.60
CA LYS C 127 15.93 -0.13 -55.19
C LYS C 127 16.12 0.89 -54.07
N PHE C 128 17.00 1.87 -54.28
CA PHE C 128 17.36 2.93 -53.28
C PHE C 128 17.13 4.31 -53.90
N GLY C 129 16.24 5.09 -53.28
CA GLY C 129 15.95 6.50 -53.66
C GLY C 129 16.55 7.47 -52.66
N LEU C 130 16.69 8.74 -53.05
CA LEU C 130 17.24 9.82 -52.20
C LEU C 130 16.32 11.04 -52.25
N TYR C 131 16.32 11.82 -51.16
CA TYR C 131 15.64 13.14 -51.07
C TYR C 131 16.66 14.17 -50.56
N TYR C 132 16.68 15.36 -51.16
CA TYR C 132 17.57 16.48 -50.77
C TYR C 132 16.84 17.82 -50.92
N SER C 133 16.82 18.61 -49.83
CA SER C 133 16.28 20.00 -49.81
C SER C 133 17.27 20.94 -50.53
N GLN C 134 17.09 21.12 -51.83
CA GLN C 134 18.03 21.87 -52.73
C GLN C 134 17.82 23.39 -52.56
N ASP C 135 16.69 23.81 -51.99
CA ASP C 135 16.31 25.25 -51.84
C ASP C 135 16.56 25.68 -50.39
N LEU C 136 15.80 25.11 -49.45
CA LEU C 136 15.80 25.53 -48.02
C LEU C 136 16.98 24.90 -47.29
N ASP C 137 17.73 25.72 -46.54
CA ASP C 137 18.84 25.28 -45.65
C ASP C 137 18.98 26.30 -44.51
N TRP C 138 18.46 25.96 -43.33
CA TRP C 138 18.37 26.87 -42.16
C TRP C 138 19.74 27.03 -41.50
N HIS C 139 20.66 26.09 -41.73
CA HIS C 139 22.04 26.12 -41.19
C HIS C 139 22.91 27.09 -42.01
N ASP C 140 22.58 27.29 -43.30
CA ASP C 140 23.37 28.11 -44.25
C ASP C 140 22.96 29.58 -44.12
N PRO C 141 23.93 30.50 -43.93
CA PRO C 141 23.64 31.94 -43.89
C PRO C 141 22.78 32.44 -45.05
N ASN C 142 23.06 31.97 -46.27
CA ASN C 142 22.32 32.35 -47.51
C ASN C 142 21.33 31.23 -47.88
N GLY C 143 20.69 30.63 -46.87
CA GLY C 143 19.66 29.60 -47.04
C GLY C 143 18.47 30.12 -47.84
N GLY C 144 17.89 29.27 -48.70
CA GLY C 144 16.81 29.64 -49.62
C GLY C 144 15.50 29.92 -48.90
N GLY C 145 14.61 30.67 -49.54
CA GLY C 145 13.23 30.97 -49.09
C GLY C 145 13.05 32.42 -48.66
N TYR C 146 14.14 33.20 -48.61
CA TYR C 146 14.19 34.56 -48.01
C TYR C 146 13.45 35.58 -48.90
N LYS C 147 13.21 35.24 -50.17
CA LYS C 147 12.43 36.07 -51.13
C LYS C 147 11.13 35.35 -51.50
N SER C 148 10.50 34.67 -50.53
CA SER C 148 9.29 33.84 -50.73
C SER C 148 8.53 33.63 -49.42
N ASN C 149 8.48 34.65 -48.55
CA ASN C 149 7.85 34.58 -47.20
C ASN C 149 6.43 35.16 -47.25
N ASP C 150 5.95 35.56 -48.44
CA ASP C 150 4.61 36.18 -48.65
C ASP C 150 3.51 35.14 -48.47
N VAL C 151 3.85 33.91 -48.08
CA VAL C 151 2.88 32.81 -47.78
C VAL C 151 3.30 32.14 -46.46
N GLU C 152 2.34 31.55 -45.74
CA GLU C 152 2.53 30.87 -44.42
C GLU C 152 3.12 29.47 -44.63
N THR C 153 3.78 28.93 -43.60
CA THR C 153 4.51 27.62 -43.62
C THR C 153 4.01 26.72 -42.48
N ALA C 154 4.68 25.58 -42.28
CA ALA C 154 4.49 24.67 -41.12
C ALA C 154 5.34 25.13 -39.94
N GLY C 155 6.21 26.11 -40.15
CA GLY C 155 7.01 26.79 -39.09
C GLY C 155 6.65 28.27 -39.02
N THR C 156 7.65 29.14 -39.17
CA THR C 156 7.50 30.62 -39.28
C THR C 156 7.82 31.03 -40.72
N THR C 157 9.05 31.45 -40.98
CA THR C 157 9.58 31.81 -42.33
C THR C 157 10.11 30.55 -43.01
N TRP C 158 10.25 30.60 -44.34
CA TRP C 158 10.81 29.49 -45.17
C TRP C 158 12.32 29.40 -44.95
N ASP C 159 12.98 30.55 -44.76
CA ASP C 159 14.45 30.67 -44.54
C ASP C 159 14.73 30.78 -43.05
N ASN C 160 16.00 30.73 -42.66
CA ASN C 160 16.47 31.04 -41.28
C ASN C 160 16.54 32.56 -41.14
N SER C 161 15.44 33.18 -40.70
CA SER C 161 15.26 34.65 -40.56
C SER C 161 15.68 35.12 -39.17
N TRP C 162 16.09 34.21 -38.28
CA TRP C 162 16.39 34.50 -36.85
C TRP C 162 17.91 34.62 -36.64
N ASP C 163 18.68 33.63 -37.11
CA ASP C 163 20.17 33.64 -37.04
C ASP C 163 20.71 34.64 -38.07
N PHE C 164 20.03 34.79 -39.21
CA PHE C 164 20.45 35.61 -40.37
C PHE C 164 19.34 36.60 -40.75
N PRO C 165 19.08 37.63 -39.91
CA PRO C 165 18.06 38.63 -40.22
C PRO C 165 18.61 39.75 -41.11
N ASP C 166 18.91 39.44 -42.38
CA ASP C 166 19.40 40.42 -43.38
C ASP C 166 18.93 39.97 -44.78
N GLU C 167 17.61 39.87 -44.97
CA GLU C 167 16.97 39.47 -46.25
C GLU C 167 17.48 40.35 -47.40
N ASP C 168 17.70 41.64 -47.12
CA ASP C 168 18.14 42.68 -48.10
C ASP C 168 19.56 42.38 -48.61
N GLN C 169 20.42 41.77 -47.79
CA GLN C 169 21.84 41.49 -48.11
C GLN C 169 22.11 39.98 -48.11
N LYS C 170 21.13 39.18 -48.55
CA LYS C 170 21.24 37.70 -48.73
C LYS C 170 21.39 37.39 -50.22
N ASN C 171 22.12 36.31 -50.55
CA ASN C 171 22.39 35.87 -51.95
C ASN C 171 22.56 34.35 -51.99
N PHE C 172 21.54 33.65 -52.50
CA PHE C 172 21.44 32.16 -52.51
C PHE C 172 22.56 31.55 -53.36
N ASP C 173 23.01 32.26 -54.39
CA ASP C 173 24.11 31.80 -55.30
C ASP C 173 25.30 31.32 -54.45
N LEU C 174 25.61 32.05 -53.38
CA LEU C 174 26.67 31.71 -52.39
C LEU C 174 26.40 30.31 -51.82
N CYS C 175 25.18 30.06 -51.36
CA CYS C 175 24.73 28.77 -50.74
C CYS C 175 24.80 27.63 -51.77
N PHE C 176 24.31 27.87 -53.00
CA PHE C 176 24.17 26.84 -54.07
C PHE C 176 25.54 26.31 -54.50
N ASP C 177 26.48 27.23 -54.79
CA ASP C 177 27.83 26.91 -55.33
C ASP C 177 28.67 26.20 -54.26
N ASN C 178 28.49 26.56 -52.98
CA ASN C 178 29.39 26.16 -51.86
C ASN C 178 28.88 24.88 -51.18
N LYS C 179 27.56 24.68 -51.07
CA LYS C 179 26.96 23.52 -50.35
C LYS C 179 26.11 22.66 -51.30
N ILE C 180 25.08 23.24 -51.92
CA ILE C 180 23.96 22.50 -52.59
C ILE C 180 24.54 21.61 -53.70
N LEU C 181 25.02 22.20 -54.80
CA LEU C 181 25.53 21.47 -56.00
C LEU C 181 26.58 20.45 -55.57
N PRO C 182 27.60 20.84 -54.77
CA PRO C 182 28.57 19.89 -54.22
C PRO C 182 27.98 18.70 -53.46
N GLN C 183 27.03 18.94 -52.55
CA GLN C 183 26.41 17.89 -51.69
C GLN C 183 25.56 16.94 -52.55
N ILE C 184 24.87 17.46 -53.57
CA ILE C 184 24.04 16.65 -54.52
C ILE C 184 24.98 15.70 -55.27
N LYS C 185 26.15 16.20 -55.71
CA LYS C 185 27.21 15.38 -56.36
C LYS C 185 27.61 14.24 -55.41
N GLU C 186 27.90 14.55 -54.15
CA GLU C 186 28.39 13.59 -53.12
C GLU C 186 27.47 12.37 -53.06
N ILE C 187 26.17 12.60 -52.84
CA ILE C 187 25.16 11.53 -52.60
C ILE C 187 24.90 10.77 -53.90
N MET C 188 24.98 11.44 -55.05
CA MET C 188 24.74 10.84 -56.39
C MET C 188 26.00 10.12 -56.90
N SER C 189 27.16 10.40 -56.29
CA SER C 189 28.48 9.79 -56.64
C SER C 189 28.68 8.50 -55.86
N ASN C 190 28.44 8.55 -54.55
CA ASN C 190 28.61 7.40 -53.62
C ASN C 190 27.26 6.68 -53.50
N TYR C 191 27.20 5.65 -52.63
CA TYR C 191 25.96 4.94 -52.21
C TYR C 191 25.34 4.23 -53.42
N GLY C 192 26.20 3.67 -54.28
CA GLY C 192 25.82 2.77 -55.39
C GLY C 192 24.79 3.37 -56.31
N ASP C 193 23.93 2.51 -56.90
CA ASP C 193 22.88 2.90 -57.87
C ASP C 193 21.76 3.64 -57.15
N ILE C 194 21.40 4.83 -57.64
CA ILE C 194 20.24 5.65 -57.16
C ILE C 194 19.13 5.52 -58.20
N ALA C 195 17.99 4.93 -57.82
CA ALA C 195 16.86 4.57 -58.71
C ALA C 195 15.83 5.72 -58.79
N THR C 196 15.74 6.53 -57.73
CA THR C 196 14.79 7.68 -57.65
C THR C 196 15.46 8.84 -56.90
N ALA C 197 15.10 10.07 -57.27
CA ALA C 197 15.62 11.33 -56.68
C ALA C 197 14.46 12.32 -56.49
N TRP C 198 14.07 12.58 -55.24
CA TRP C 198 12.94 13.46 -54.87
C TRP C 198 13.49 14.81 -54.38
N PHE C 199 13.05 15.90 -55.01
CA PHE C 199 13.46 17.30 -54.69
C PHE C 199 12.23 18.10 -54.25
N ASP C 200 12.45 19.24 -53.59
CA ASP C 200 11.38 20.19 -53.17
C ASP C 200 11.05 21.11 -54.35
N VAL C 201 9.84 21.70 -54.32
CA VAL C 201 9.43 22.82 -55.23
C VAL C 201 10.40 23.98 -55.02
N PRO C 202 11.23 24.34 -56.02
CA PRO C 202 12.08 25.53 -55.92
C PRO C 202 11.28 26.82 -55.75
N MET C 203 11.74 27.68 -54.85
CA MET C 203 11.12 29.01 -54.54
C MET C 203 12.15 30.11 -54.81
N THR C 204 13.38 29.92 -54.31
CA THR C 204 14.55 30.82 -54.49
C THR C 204 15.67 30.06 -55.23
N LEU C 205 15.38 29.56 -56.43
CA LEU C 205 16.31 28.81 -57.29
C LEU C 205 16.14 29.28 -58.74
N SER C 206 17.23 29.71 -59.39
CA SER C 206 17.25 30.15 -60.81
C SER C 206 17.03 28.92 -61.71
N GLU C 207 16.55 29.14 -62.94
CA GLU C 207 16.33 28.08 -63.95
C GLU C 207 17.67 27.38 -64.23
N ALA C 208 18.76 28.15 -64.32
CA ALA C 208 20.15 27.67 -64.48
C ALA C 208 20.46 26.63 -63.40
N GLN C 209 20.25 27.01 -62.14
CA GLN C 209 20.51 26.17 -60.93
C GLN C 209 19.63 24.91 -60.98
N SER C 210 18.38 25.04 -61.46
CA SER C 210 17.43 23.90 -61.64
C SER C 210 17.98 22.93 -62.70
N GLN C 211 18.35 23.46 -63.87
CA GLN C 211 18.93 22.67 -64.99
C GLN C 211 20.26 22.05 -64.56
N THR C 212 21.07 22.79 -63.80
CA THR C 212 22.38 22.35 -63.25
C THR C 212 22.21 21.01 -62.53
N ILE C 213 21.29 20.97 -61.56
CA ILE C 213 21.01 19.77 -60.71
C ILE C 213 20.61 18.61 -61.63
N TYR C 214 19.68 18.85 -62.55
CA TYR C 214 19.16 17.85 -63.52
C TYR C 214 20.33 17.19 -64.25
N ASP C 215 21.20 18.01 -64.85
CA ASP C 215 22.40 17.58 -65.61
C ASP C 215 23.35 16.81 -64.67
N THR C 216 23.56 17.32 -63.45
CA THR C 216 24.43 16.73 -62.41
C THR C 216 23.96 15.30 -62.12
N VAL C 217 22.66 15.11 -61.94
CA VAL C 217 22.03 13.78 -61.62
C VAL C 217 22.17 12.87 -62.86
N ARG C 218 21.86 13.40 -64.05
CA ARG C 218 21.96 12.66 -65.34
C ARG C 218 23.38 12.12 -65.54
N GLU C 219 24.38 12.99 -65.37
CA GLU C 219 25.83 12.67 -65.61
C GLU C 219 26.30 11.58 -64.64
N LEU C 220 25.81 11.60 -63.39
CA LEU C 220 26.27 10.72 -62.29
C LEU C 220 25.40 9.47 -62.19
N GLN C 221 24.08 9.62 -62.30
CA GLN C 221 23.07 8.52 -62.15
C GLN C 221 22.14 8.52 -63.35
N PRO C 222 22.59 8.01 -64.53
CA PRO C 222 21.78 8.08 -65.74
C PRO C 222 20.40 7.40 -65.60
N ASN C 223 20.37 6.22 -64.95
CA ASN C 223 19.15 5.38 -64.81
C ASN C 223 18.20 5.98 -63.77
N CYS C 224 18.67 6.92 -62.94
CA CYS C 224 17.89 7.58 -61.86
C CYS C 224 16.69 8.33 -62.45
N LEU C 225 15.48 8.00 -61.99
CA LEU C 225 14.22 8.74 -62.30
C LEU C 225 14.13 9.95 -61.38
N ILE C 226 13.86 11.13 -61.95
CA ILE C 226 13.88 12.45 -61.23
C ILE C 226 12.43 12.92 -61.04
N ASN C 227 12.16 13.52 -59.88
CA ASN C 227 10.82 14.00 -59.44
C ASN C 227 10.48 15.31 -60.17
N SER C 228 9.19 15.57 -60.43
CA SER C 228 8.67 16.74 -61.18
C SER C 228 8.91 18.05 -60.43
N ARG C 229 8.91 18.00 -59.09
CA ARG C 229 9.08 19.19 -58.20
C ARG C 229 10.25 20.05 -58.70
N LEU C 230 11.34 19.42 -59.16
CA LEU C 230 12.64 20.07 -59.49
C LEU C 230 12.46 21.16 -60.56
N GLY C 231 11.96 20.80 -61.76
CA GLY C 231 11.83 21.73 -62.90
C GLY C 231 10.87 21.20 -63.96
N ASN C 232 10.23 22.11 -64.70
CA ASN C 232 9.10 21.84 -65.64
C ASN C 232 9.55 20.97 -66.82
N GLY C 233 10.82 21.06 -67.21
CA GLY C 233 11.41 20.23 -68.28
C GLY C 233 12.62 19.47 -67.78
N LYS C 234 12.56 18.99 -66.54
CA LYS C 234 13.73 18.45 -65.79
C LYS C 234 13.28 17.28 -64.89
N TYR C 235 12.41 16.39 -65.40
CA TYR C 235 11.87 15.23 -64.63
C TYR C 235 11.48 14.07 -65.56
N ASP C 236 11.18 12.92 -64.93
CA ASP C 236 10.75 11.65 -65.56
C ASP C 236 9.33 11.29 -65.10
N PHE C 237 9.10 11.29 -63.77
CA PHE C 237 7.82 10.99 -63.10
C PHE C 237 7.33 12.22 -62.32
N VAL C 238 6.00 12.40 -62.23
CA VAL C 238 5.35 13.53 -61.51
C VAL C 238 4.95 13.08 -60.11
N SER C 239 5.18 13.93 -59.11
CA SER C 239 4.73 13.74 -57.70
C SER C 239 3.38 14.44 -57.49
N LEU C 240 2.31 13.66 -57.26
CA LEU C 240 0.94 14.17 -56.96
C LEU C 240 0.82 14.37 -55.45
N GLY C 241 0.30 15.53 -55.03
CA GLY C 241 0.27 15.98 -53.62
C GLY C 241 -1.14 15.98 -53.05
N ASP C 242 -1.71 14.79 -52.83
CA ASP C 242 -2.95 14.56 -52.03
C ASP C 242 -4.17 15.15 -52.75
N ASN C 243 -4.16 16.47 -52.99
CA ASN C 243 -5.27 17.24 -53.64
C ASN C 243 -5.21 17.06 -55.17
N GLU C 244 -4.21 16.34 -55.69
CA GLU C 244 -4.03 16.08 -57.15
C GLU C 244 -4.41 14.62 -57.48
N ILE C 245 -5.02 13.92 -56.53
CA ILE C 245 -5.39 12.47 -56.65
C ILE C 245 -6.78 12.35 -57.28
N PRO C 246 -7.02 11.37 -58.19
CA PRO C 246 -8.33 11.18 -58.81
C PRO C 246 -9.44 10.75 -57.83
N PRO C 267 2.33 17.51 -67.35
CA PRO C 267 2.33 16.31 -68.17
C PRO C 267 3.46 15.33 -67.84
N SER C 268 3.13 14.04 -67.70
CA SER C 268 4.08 12.92 -67.50
C SER C 268 4.29 12.19 -68.82
N PRO C 269 5.45 12.38 -69.50
CA PRO C 269 5.67 11.79 -70.82
C PRO C 269 5.91 10.27 -70.78
N LEU C 270 6.51 9.78 -69.69
CA LEU C 270 6.76 8.32 -69.46
C LEU C 270 5.49 7.68 -68.89
N GLY C 271 4.56 8.49 -68.39
CA GLY C 271 3.29 8.03 -67.77
C GLY C 271 3.52 7.52 -66.36
N LEU C 272 4.51 8.09 -65.65
CA LEU C 272 4.89 7.69 -64.27
C LEU C 272 4.36 8.73 -63.28
N TYR C 273 3.72 8.28 -62.19
CA TYR C 273 3.23 9.15 -61.09
C TYR C 273 3.43 8.43 -59.75
N ALA C 274 3.61 9.23 -58.69
CA ALA C 274 3.89 8.78 -57.32
C ALA C 274 3.35 9.80 -56.31
N THR C 275 2.80 9.31 -55.19
CA THR C 275 2.25 10.13 -54.08
C THR C 275 2.91 9.70 -52.76
N ALA C 276 3.57 10.65 -52.09
CA ALA C 276 4.13 10.48 -50.73
C ALA C 276 3.03 10.70 -49.71
N GLY C 277 2.97 9.85 -48.68
CA GLY C 277 2.04 9.94 -47.55
C GLY C 277 2.67 9.40 -46.27
N THR C 278 2.10 9.75 -45.11
CA THR C 278 2.58 9.30 -43.77
C THR C 278 1.53 8.40 -43.11
N ILE C 279 1.94 7.70 -42.05
CA ILE C 279 1.07 6.76 -41.29
C ILE C 279 0.25 7.59 -40.27
N ASN C 280 0.91 8.51 -39.56
CA ASN C 280 0.25 9.55 -38.73
C ASN C 280 0.25 10.86 -39.53
N ASP C 281 0.16 12.01 -38.85
CA ASP C 281 -0.04 13.34 -39.50
C ASP C 281 1.30 14.09 -39.66
N SER C 282 2.40 13.53 -39.15
CA SER C 282 3.75 14.14 -39.19
C SER C 282 4.71 13.24 -39.99
N TRP C 283 5.67 13.87 -40.69
CA TRP C 283 6.75 13.16 -41.43
C TRP C 283 7.85 12.77 -40.45
N GLY C 284 8.43 13.76 -39.76
CA GLY C 284 9.36 13.55 -38.63
C GLY C 284 8.63 12.94 -37.45
N PHE C 285 9.35 12.21 -36.59
CA PHE C 285 8.78 11.52 -35.41
C PHE C 285 8.24 12.56 -34.42
N SER C 286 7.21 12.18 -33.65
CA SER C 286 6.51 13.07 -32.67
C SER C 286 5.80 12.23 -31.60
N TYR C 287 6.09 12.49 -30.32
CA TYR C 287 5.51 11.78 -29.14
C TYR C 287 3.99 11.90 -29.18
N HIS C 288 3.50 13.14 -29.26
CA HIS C 288 2.08 13.50 -29.04
C HIS C 288 1.21 13.06 -30.24
N ASP C 289 1.81 12.86 -31.42
CA ASP C 289 1.08 12.41 -32.64
C ASP C 289 0.93 10.89 -32.61
N GLN C 290 -0.21 10.43 -32.09
CA GLN C 290 -0.60 8.99 -32.02
C GLN C 290 -1.76 8.71 -32.99
N ASN C 291 -1.98 9.61 -33.96
CA ASN C 291 -3.12 9.53 -34.92
C ASN C 291 -2.72 8.63 -36.10
N TRP C 292 -2.39 7.36 -35.81
CA TRP C 292 -1.91 6.36 -36.80
C TRP C 292 -3.10 5.91 -37.66
N LYS C 293 -2.98 6.10 -38.98
CA LYS C 293 -3.98 5.60 -39.97
C LYS C 293 -4.18 4.10 -39.76
N THR C 294 -5.44 3.65 -39.69
CA THR C 294 -5.82 2.25 -39.41
C THR C 294 -5.21 1.34 -40.48
N PRO C 295 -5.00 0.04 -40.19
CA PRO C 295 -4.57 -0.90 -41.21
C PRO C 295 -5.44 -0.80 -42.48
N ARG C 296 -6.76 -0.72 -42.30
CA ARG C 296 -7.76 -0.66 -43.40
C ARG C 296 -7.49 0.56 -44.29
N THR C 297 -7.27 1.73 -43.68
CA THR C 297 -7.03 3.02 -44.38
C THR C 297 -5.78 2.90 -45.26
N LEU C 298 -4.68 2.38 -44.72
CA LEU C 298 -3.37 2.25 -45.42
C LEU C 298 -3.55 1.38 -46.68
N TYR C 299 -4.15 0.20 -46.51
CA TYR C 299 -4.43 -0.76 -47.61
C TYR C 299 -5.33 -0.11 -48.67
N ARG C 300 -6.45 0.49 -48.23
CA ARG C 300 -7.48 1.08 -49.11
C ARG C 300 -6.88 2.23 -49.93
N TYR C 301 -6.05 3.07 -49.32
CA TYR C 301 -5.40 4.22 -50.01
C TYR C 301 -4.40 3.70 -51.04
N LYS C 302 -3.56 2.73 -50.63
CA LYS C 302 -2.60 2.04 -51.54
C LYS C 302 -3.36 1.47 -52.74
N GLN C 303 -4.47 0.78 -52.47
CA GLN C 303 -5.34 0.14 -53.51
C GLN C 303 -5.78 1.21 -54.51
N HIS C 304 -6.36 2.31 -54.02
CA HIS C 304 -6.88 3.45 -54.81
C HIS C 304 -5.77 4.01 -55.72
N LEU C 305 -4.61 4.33 -55.15
CA LEU C 305 -3.47 4.97 -55.88
C LEU C 305 -2.95 4.01 -56.96
N ASN C 306 -2.75 2.74 -56.61
CA ASN C 306 -2.23 1.69 -57.52
C ASN C 306 -3.21 1.48 -58.68
N ASP C 307 -4.52 1.52 -58.39
CA ASP C 307 -5.60 1.32 -59.40
C ASP C 307 -5.60 2.48 -60.40
N PHE C 308 -5.15 3.67 -59.99
CA PHE C 308 -5.03 4.88 -60.84
C PHE C 308 -3.59 5.06 -61.32
N GLY C 309 -2.78 3.97 -61.29
CA GLY C 309 -1.39 3.95 -61.79
C GLY C 309 -0.52 4.98 -61.08
N ILE C 310 -0.66 5.09 -59.76
CA ILE C 310 0.16 6.01 -58.90
C ILE C 310 0.89 5.15 -57.86
N ASN C 311 2.21 5.33 -57.74
CA ASN C 311 3.04 4.64 -56.72
C ASN C 311 2.76 5.29 -55.35
N TYR C 312 2.54 4.46 -54.31
CA TYR C 312 2.31 4.90 -52.91
C TYR C 312 3.65 4.83 -52.16
N LEU C 313 4.21 6.00 -51.86
CA LEU C 313 5.43 6.14 -51.00
C LEU C 313 4.99 6.47 -49.57
N LEU C 314 4.97 5.46 -48.70
CA LEU C 314 4.45 5.55 -47.31
C LEU C 314 5.63 5.80 -46.35
N ASN C 315 5.58 6.90 -45.58
CA ASN C 315 6.71 7.40 -44.77
C ASN C 315 6.68 6.83 -43.35
N VAL C 316 7.84 6.38 -42.89
CA VAL C 316 8.13 6.02 -41.46
C VAL C 316 9.06 7.10 -40.90
N GLY C 317 8.70 7.70 -39.77
CA GLY C 317 9.51 8.71 -39.06
C GLY C 317 10.25 8.07 -37.89
N LEU C 318 11.53 7.76 -38.07
CA LEU C 318 12.34 7.03 -37.05
C LEU C 318 12.46 7.88 -35.79
N ASP C 319 12.47 7.23 -34.62
CA ASP C 319 12.46 7.88 -33.28
C ASP C 319 13.90 8.11 -32.83
N PRO C 320 14.14 8.75 -31.66
CA PRO C 320 15.50 9.08 -31.22
C PRO C 320 16.50 7.90 -31.17
N LEU C 321 16.01 6.68 -30.93
CA LEU C 321 16.85 5.45 -30.87
C LEU C 321 16.96 4.80 -32.25
N GLY C 322 16.37 5.42 -33.28
CA GLY C 322 16.43 4.94 -34.68
C GLY C 322 15.58 3.70 -34.88
N ARG C 323 14.47 3.60 -34.15
CA ARG C 323 13.49 2.48 -34.24
C ARG C 323 12.29 2.94 -35.06
N VAL C 324 11.67 2.02 -35.81
CA VAL C 324 10.33 2.20 -36.42
C VAL C 324 9.32 2.21 -35.28
N PRO C 325 8.58 3.32 -35.06
CA PRO C 325 7.56 3.37 -34.00
C PRO C 325 6.68 2.11 -34.00
N MET C 326 6.41 1.55 -32.83
CA MET C 326 5.68 0.27 -32.62
C MET C 326 4.42 0.23 -33.50
N MET C 327 3.58 1.27 -33.40
CA MET C 327 2.26 1.34 -34.07
C MET C 327 2.44 1.47 -35.59
N ALA C 328 3.49 2.15 -36.04
CA ALA C 328 3.86 2.27 -37.47
C ALA C 328 4.08 0.87 -38.04
N GLU C 329 4.88 0.05 -37.37
CA GLU C 329 5.20 -1.36 -37.75
C GLU C 329 3.91 -2.18 -37.76
N GLU C 330 3.19 -2.22 -36.63
CA GLU C 330 1.93 -3.00 -36.45
C GLU C 330 1.00 -2.76 -37.64
N ASN C 331 0.76 -1.49 -37.99
CA ASN C 331 -0.23 -1.07 -39.01
C ASN C 331 0.29 -1.40 -40.42
N LEU C 332 1.59 -1.22 -40.67
CA LEU C 332 2.23 -1.58 -41.97
C LEU C 332 2.01 -3.07 -42.26
N LEU C 333 2.22 -3.92 -41.25
CA LEU C 333 2.12 -5.40 -41.36
C LEU C 333 0.64 -5.82 -41.47
N ALA C 334 -0.23 -5.19 -40.68
CA ALA C 334 -1.69 -5.45 -40.68
C ALA C 334 -2.27 -5.06 -42.04
N ALA C 335 -1.79 -3.97 -42.62
CA ALA C 335 -2.19 -3.46 -43.97
C ALA C 335 -1.79 -4.47 -45.05
N LYS C 336 -0.63 -5.10 -44.89
CA LYS C 336 -0.13 -6.14 -45.83
C LYS C 336 -1.05 -7.36 -45.75
N ALA C 337 -1.35 -7.81 -44.53
CA ALA C 337 -2.22 -8.97 -44.24
C ALA C 337 -3.57 -8.79 -44.96
N LEU C 338 -4.23 -7.64 -44.76
CA LEU C 338 -5.55 -7.32 -45.35
C LEU C 338 -5.45 -7.36 -46.89
N GLU C 339 -4.35 -6.82 -47.43
CA GLU C 339 -4.09 -6.77 -48.90
C GLU C 339 -3.97 -8.21 -49.41
N ASP C 340 -3.16 -9.03 -48.74
CA ASP C 340 -2.92 -10.45 -49.09
C ASP C 340 -4.24 -11.23 -49.03
N GLU C 341 -4.96 -11.11 -47.92
CA GLU C 341 -6.27 -11.76 -47.67
C GLU C 341 -7.26 -11.39 -48.79
N ALA C 342 -7.21 -10.15 -49.26
CA ALA C 342 -8.12 -9.60 -50.31
C ALA C 342 -7.73 -10.14 -51.70
N ASN C 343 -6.44 -10.38 -51.93
CA ASN C 343 -5.89 -10.83 -53.24
C ASN C 343 -6.12 -12.33 -53.43
N ARG C 344 -6.39 -13.06 -52.34
CA ARG C 344 -6.84 -14.47 -52.36
C ARG C 344 -8.37 -14.53 -52.47
N LEU C 345 -9.07 -13.60 -51.81
CA LEU C 345 -10.55 -13.46 -51.84
C LEU C 345 -10.96 -12.60 -53.03
N ASN D 2 13.96 -45.62 30.46
CA ASN D 2 12.86 -44.62 30.67
C ASN D 2 12.56 -44.52 32.18
N ASP D 3 13.26 -43.62 32.87
CA ASP D 3 12.95 -43.22 34.28
C ASP D 3 12.05 -41.98 34.25
N ASN D 4 11.52 -41.64 33.08
CA ASN D 4 10.42 -40.67 32.88
C ASN D 4 9.15 -41.22 33.55
N VAL D 5 9.00 -42.55 33.57
CA VAL D 5 7.91 -43.29 34.28
C VAL D 5 7.99 -43.00 35.79
N ALA D 6 9.18 -43.15 36.36
CA ALA D 6 9.46 -42.96 37.82
C ALA D 6 9.15 -41.52 38.24
N TRP D 7 9.55 -40.55 37.41
CA TRP D 7 9.32 -39.09 37.64
C TRP D 7 7.82 -38.79 37.65
N PHE D 8 7.06 -39.41 36.74
CA PHE D 8 5.59 -39.22 36.60
C PHE D 8 4.87 -39.76 37.84
N LYS D 9 5.43 -40.81 38.46
CA LYS D 9 4.93 -41.43 39.71
C LYS D 9 4.97 -40.40 40.86
N GLN D 10 5.97 -39.51 40.86
CA GLN D 10 6.23 -38.54 41.97
C GLN D 10 5.91 -37.11 41.53
N ALA D 11 5.38 -36.91 40.31
CA ALA D 11 5.08 -35.60 39.71
C ALA D 11 3.94 -34.92 40.48
N LYS D 12 2.80 -35.62 40.60
CA LYS D 12 1.65 -35.28 41.51
C LYS D 12 0.83 -34.12 40.92
N TYR D 13 1.47 -32.99 40.64
CA TYR D 13 0.80 -31.70 40.27
C TYR D 13 1.34 -31.22 38.91
N GLY D 14 0.43 -30.76 38.04
CA GLY D 14 0.77 -30.22 36.71
C GLY D 14 -0.19 -29.12 36.28
N MET D 15 0.29 -28.14 35.50
CA MET D 15 -0.54 -27.05 34.90
C MET D 15 -0.99 -27.46 33.50
N MET D 16 -2.26 -27.24 33.20
CA MET D 16 -2.85 -27.39 31.84
C MET D 16 -3.18 -25.98 31.30
N ILE D 17 -2.98 -25.75 30.00
CA ILE D 17 -3.27 -24.45 29.33
C ILE D 17 -4.28 -24.70 28.20
N HIS D 18 -5.46 -24.09 28.28
CA HIS D 18 -6.47 -24.02 27.20
C HIS D 18 -6.50 -22.60 26.63
N TRP D 19 -5.98 -22.43 25.41
CA TRP D 19 -5.88 -21.12 24.72
C TRP D 19 -6.10 -21.31 23.21
N GLY D 20 -6.87 -20.41 22.60
CA GLY D 20 -7.22 -20.42 21.18
C GLY D 20 -8.08 -19.22 20.80
N LEU D 21 -8.69 -19.26 19.60
CA LEU D 21 -9.58 -18.18 19.11
C LEU D 21 -10.82 -18.08 20.01
N TYR D 22 -11.28 -19.22 20.54
CA TYR D 22 -12.46 -19.35 21.44
C TYR D 22 -12.30 -18.47 22.68
N SER D 23 -11.05 -18.20 23.08
CA SER D 23 -10.70 -17.36 24.26
C SER D 23 -11.10 -15.90 24.04
N LEU D 24 -11.11 -15.43 22.79
CA LEU D 24 -11.44 -14.03 22.43
C LEU D 24 -12.94 -13.78 22.66
N LEU D 25 -13.79 -14.74 22.27
CA LEU D 25 -15.27 -14.65 22.42
C LEU D 25 -15.64 -14.73 23.90
N ALA D 26 -14.94 -15.56 24.68
CA ALA D 26 -15.03 -15.65 26.16
C ALA D 26 -16.45 -16.06 26.58
N GLY D 27 -16.95 -17.17 26.01
CA GLY D 27 -18.22 -17.81 26.39
C GLY D 27 -19.43 -16.94 26.06
N GLU D 28 -19.28 -16.01 25.12
CA GLU D 28 -20.31 -15.00 24.76
C GLU D 28 -20.36 -14.91 23.23
N TYR D 29 -21.55 -15.04 22.64
CA TYR D 29 -21.75 -14.88 21.19
C TYR D 29 -23.14 -14.30 20.90
N ARG D 30 -23.16 -13.08 20.35
CA ARG D 30 -24.38 -12.36 19.89
C ARG D 30 -25.42 -12.35 21.01
N GLY D 31 -25.00 -11.88 22.20
CA GLY D 31 -25.89 -11.60 23.35
C GLY D 31 -26.35 -12.85 24.08
N GLU D 32 -25.78 -14.02 23.74
CA GLU D 32 -26.19 -15.33 24.31
C GLU D 32 -24.96 -16.07 24.82
N SER D 33 -25.15 -16.93 25.82
CA SER D 33 -24.09 -17.63 26.59
C SER D 33 -23.68 -18.93 25.89
N SER D 34 -22.39 -19.27 25.98
CA SER D 34 -21.84 -20.60 25.60
C SER D 34 -22.34 -21.63 26.60
N SER D 35 -22.04 -22.91 26.34
CA SER D 35 -22.25 -24.04 27.29
C SER D 35 -21.29 -23.86 28.48
N ALA D 36 -21.28 -24.83 29.40
CA ALA D 36 -20.29 -24.95 30.49
C ALA D 36 -18.88 -24.82 29.90
N TYR D 37 -18.69 -25.34 28.69
CA TYR D 37 -17.40 -25.35 27.94
C TYR D 37 -17.40 -24.22 26.90
N ALA D 38 -16.61 -23.17 27.17
CA ALA D 38 -16.50 -21.95 26.35
C ALA D 38 -15.63 -22.20 25.11
N GLU D 39 -14.78 -23.23 25.16
CA GLU D 39 -13.88 -23.61 24.03
C GLU D 39 -14.71 -24.28 22.92
N TRP D 40 -15.88 -24.82 23.27
CA TRP D 40 -16.80 -25.52 22.33
C TRP D 40 -17.74 -24.51 21.65
N ILE D 41 -17.47 -23.21 21.78
CA ILE D 41 -18.41 -22.12 21.37
C ILE D 41 -18.67 -22.19 19.86
N GLN D 42 -17.68 -22.57 19.04
CA GLN D 42 -17.85 -22.59 17.55
C GLN D 42 -18.96 -23.60 17.20
N SER D 43 -18.94 -24.79 17.80
CA SER D 43 -19.95 -25.86 17.61
C SER D 43 -21.30 -25.42 18.22
N LYS D 44 -21.25 -24.77 19.39
CA LYS D 44 -22.45 -24.34 20.17
C LYS D 44 -23.36 -23.47 19.30
N PHE D 45 -22.79 -22.49 18.59
CA PHE D 45 -23.53 -21.51 17.76
C PHE D 45 -23.29 -21.77 16.25
N GLN D 46 -22.63 -22.88 15.92
CA GLN D 46 -22.33 -23.31 14.53
C GLN D 46 -21.76 -22.12 13.74
N ILE D 47 -20.76 -21.45 14.32
CA ILE D 47 -20.14 -20.21 13.76
C ILE D 47 -19.36 -20.61 12.51
N PRO D 48 -19.69 -20.04 11.33
CA PRO D 48 -18.95 -20.31 10.10
C PRO D 48 -17.43 -20.15 10.27
N ASN D 49 -16.64 -21.08 9.72
CA ASN D 49 -15.15 -21.01 9.71
C ASN D 49 -14.72 -19.64 9.19
N ALA D 50 -15.44 -19.11 8.20
CA ALA D 50 -15.25 -17.76 7.63
C ALA D 50 -15.18 -16.71 8.74
N GLU D 51 -16.20 -16.69 9.62
CA GLU D 51 -16.35 -15.70 10.72
C GLU D 51 -15.39 -16.04 11.87
N TYR D 52 -15.47 -17.28 12.39
CA TYR D 52 -14.68 -17.78 13.54
C TYR D 52 -13.19 -17.57 13.26
N GLY D 53 -12.72 -18.00 12.09
CA GLY D 53 -11.33 -17.86 11.63
C GLY D 53 -10.85 -16.42 11.71
N ASN D 54 -11.75 -15.47 11.40
CA ASN D 54 -11.44 -14.01 11.36
C ASN D 54 -10.99 -13.51 12.73
N LEU D 55 -11.40 -14.19 13.81
CA LEU D 55 -10.96 -13.88 15.20
C LEU D 55 -9.44 -13.78 15.26
N ALA D 56 -8.74 -14.59 14.45
CA ALA D 56 -7.27 -14.61 14.31
C ALA D 56 -6.72 -13.18 14.12
N THR D 57 -7.46 -12.33 13.39
CA THR D 57 -7.07 -10.93 13.07
C THR D 57 -7.03 -10.07 14.33
N ALA D 58 -7.81 -10.42 15.37
CA ALA D 58 -7.92 -9.69 16.65
C ALA D 58 -6.93 -10.25 17.68
N PHE D 59 -6.48 -11.50 17.50
CA PHE D 59 -5.59 -12.23 18.44
C PHE D 59 -4.23 -11.53 18.50
N ASN D 60 -4.04 -10.66 19.50
CA ASN D 60 -2.79 -9.89 19.73
C ASN D 60 -2.53 -9.81 21.24
N PRO D 61 -2.32 -10.96 21.92
CA PRO D 61 -2.20 -10.98 23.38
C PRO D 61 -0.91 -10.30 23.88
N LEU D 62 -1.02 -9.01 24.21
CA LEU D 62 0.10 -8.11 24.54
C LEU D 62 0.82 -8.60 25.81
N TYR D 63 0.08 -9.17 26.75
CA TYR D 63 0.57 -9.50 28.12
C TYR D 63 0.85 -11.01 28.25
N PHE D 64 0.94 -11.74 27.13
CA PHE D 64 1.39 -13.15 27.12
C PHE D 64 2.86 -13.19 27.53
N ASP D 65 3.22 -14.10 28.44
CA ASP D 65 4.59 -14.22 29.00
C ASP D 65 4.79 -15.65 29.54
N ALA D 66 5.32 -16.55 28.71
CA ALA D 66 5.60 -17.96 29.04
C ALA D 66 6.39 -18.04 30.36
N LYS D 67 7.41 -17.19 30.51
CA LYS D 67 8.31 -17.15 31.69
C LYS D 67 7.47 -17.10 32.98
N LYS D 68 6.56 -16.12 33.06
CA LYS D 68 5.71 -15.86 34.25
C LYS D 68 4.74 -17.04 34.47
N ILE D 69 4.10 -17.51 33.41
CA ILE D 69 3.10 -18.63 33.46
C ILE D 69 3.78 -19.85 34.11
N VAL D 70 4.99 -20.18 33.65
CA VAL D 70 5.81 -21.31 34.16
C VAL D 70 6.22 -21.00 35.62
N ALA D 71 6.65 -19.77 35.88
CA ALA D 71 7.11 -19.29 37.21
C ALA D 71 6.00 -19.49 38.25
N LEU D 72 4.76 -19.11 37.89
CA LEU D 72 3.55 -19.35 38.71
C LEU D 72 3.44 -20.86 38.99
N ALA D 73 3.38 -21.66 37.91
CA ALA D 73 3.25 -23.13 37.95
C ALA D 73 4.28 -23.72 38.91
N LYS D 74 5.55 -23.32 38.77
CA LYS D 74 6.69 -23.80 39.59
C LYS D 74 6.48 -23.41 41.06
N GLN D 75 5.94 -22.20 41.31
CA GLN D 75 5.73 -21.66 42.68
C GLN D 75 4.59 -22.41 43.37
N CYS D 76 3.63 -22.93 42.59
CA CYS D 76 2.49 -23.76 43.09
C CYS D 76 2.91 -25.23 43.24
N GLY D 77 4.14 -25.56 42.82
CA GLY D 77 4.76 -26.88 43.03
C GLY D 77 4.48 -27.84 41.88
N MET D 78 3.89 -27.35 40.79
CA MET D 78 3.58 -28.16 39.58
C MET D 78 4.88 -28.51 38.86
N GLN D 79 5.05 -29.79 38.52
CA GLN D 79 6.34 -30.35 38.00
C GLN D 79 6.31 -30.41 36.47
N TYR D 80 5.14 -30.32 35.83
CA TYR D 80 5.01 -30.33 34.34
C TYR D 80 3.88 -29.40 33.90
N LEU D 81 3.93 -28.98 32.64
CA LEU D 81 2.96 -28.05 32.00
C LEU D 81 2.49 -28.64 30.68
N VAL D 82 1.19 -28.97 30.58
CA VAL D 82 0.54 -29.47 29.33
C VAL D 82 -0.18 -28.29 28.67
N VAL D 83 -0.18 -28.24 27.33
CA VAL D 83 -0.75 -27.10 26.55
C VAL D 83 -1.48 -27.64 25.31
N THR D 84 -2.54 -26.93 24.88
CA THR D 84 -3.31 -27.22 23.65
C THR D 84 -2.53 -26.72 22.43
N THR D 85 -2.01 -27.64 21.62
CA THR D 85 -1.35 -27.35 20.32
C THR D 85 -2.45 -27.01 19.30
N LYS D 86 -3.52 -27.80 19.30
CA LYS D 86 -4.72 -27.62 18.42
C LYS D 86 -5.93 -28.27 19.09
N HIS D 87 -6.98 -27.49 19.36
CA HIS D 87 -8.28 -27.98 19.91
C HIS D 87 -9.20 -28.38 18.75
N HIS D 88 -10.48 -28.64 19.05
CA HIS D 88 -11.51 -29.08 18.07
C HIS D 88 -11.71 -28.01 16.98
N ASP D 89 -11.47 -26.73 17.29
CA ASP D 89 -11.65 -25.58 16.38
C ASP D 89 -10.73 -25.73 15.15
N GLY D 90 -9.66 -26.51 15.28
CA GLY D 90 -8.72 -26.85 14.18
C GLY D 90 -7.58 -25.86 14.05
N PHE D 91 -7.58 -24.82 14.91
CA PHE D 91 -6.60 -23.70 14.91
C PHE D 91 -5.38 -24.12 15.73
N ALA D 92 -4.22 -24.24 15.06
CA ALA D 92 -2.93 -24.60 15.69
C ALA D 92 -2.35 -23.39 16.42
N MET D 93 -1.84 -23.59 17.64
CA MET D 93 -1.20 -22.52 18.46
C MET D 93 0.33 -22.60 18.32
N TYR D 94 0.81 -23.27 17.26
CA TYR D 94 2.24 -23.37 16.87
C TYR D 94 2.38 -23.02 15.39
N HIS D 95 3.63 -22.93 14.91
CA HIS D 95 4.00 -22.54 13.52
C HIS D 95 3.93 -23.79 12.62
N SER D 96 2.72 -24.19 12.22
CA SER D 96 2.44 -25.41 11.43
C SER D 96 2.78 -25.17 9.95
N LYS D 97 3.72 -25.96 9.41
CA LYS D 97 4.12 -25.92 7.99
C LYS D 97 3.00 -26.49 7.10
N VAL D 98 2.18 -27.39 7.67
CA VAL D 98 1.13 -28.16 6.93
C VAL D 98 -0.10 -27.27 6.73
N ASP D 99 -0.49 -26.46 7.72
CA ASP D 99 -1.72 -25.63 7.70
C ASP D 99 -1.38 -24.21 8.17
N ALA D 100 -1.79 -23.20 7.39
CA ALA D 100 -1.57 -21.76 7.65
C ALA D 100 -2.63 -21.24 8.65
N TYR D 101 -3.66 -22.05 8.95
CA TYR D 101 -4.65 -21.79 10.02
C TYR D 101 -3.97 -22.04 11.38
N ASN D 102 -3.15 -21.08 11.81
CA ASN D 102 -2.30 -21.19 13.02
C ASN D 102 -1.95 -19.79 13.54
N VAL D 103 -1.52 -19.71 14.80
CA VAL D 103 -1.27 -18.44 15.55
C VAL D 103 -0.19 -17.61 14.83
N TYR D 104 0.88 -18.26 14.35
CA TYR D 104 2.07 -17.57 13.78
C TYR D 104 1.70 -16.87 12.47
N ASP D 105 1.00 -17.56 11.57
CA ASP D 105 0.75 -17.09 10.18
C ASP D 105 -0.50 -16.21 10.13
N ALA D 106 -1.55 -16.55 10.88
CA ALA D 106 -2.93 -16.02 10.71
C ALA D 106 -3.21 -14.82 11.63
N THR D 107 -2.32 -14.48 12.56
CA THR D 107 -2.57 -13.46 13.62
C THR D 107 -1.56 -12.32 13.53
N PRO D 108 -1.93 -11.10 14.01
CA PRO D 108 -0.97 -10.01 14.19
C PRO D 108 0.17 -10.38 15.14
N PHE D 109 -0.13 -11.18 16.16
CA PHE D 109 0.81 -11.64 17.22
C PHE D 109 2.07 -12.21 16.54
N HIS D 110 1.88 -13.16 15.63
CA HIS D 110 2.93 -13.70 14.71
C HIS D 110 4.04 -14.38 15.53
N ARG D 111 3.66 -15.17 16.55
CA ARG D 111 4.61 -15.85 17.47
C ARG D 111 4.10 -17.26 17.80
N ASP D 112 5.03 -18.23 17.88
CA ASP D 112 4.76 -19.65 18.24
C ASP D 112 4.68 -19.78 19.75
N ILE D 113 3.46 -19.85 20.29
CA ILE D 113 3.16 -19.92 21.75
C ILE D 113 3.72 -21.24 22.31
N ILE D 114 3.45 -22.36 21.63
CA ILE D 114 3.94 -23.72 22.02
C ILE D 114 5.47 -23.66 22.20
N GLY D 115 6.16 -23.00 21.27
CA GLY D 115 7.62 -22.77 21.31
C GLY D 115 8.04 -22.08 22.61
N GLU D 116 7.51 -20.88 22.86
CA GLU D 116 7.90 -20.03 24.02
C GLU D 116 7.72 -20.82 25.32
N LEU D 117 6.57 -21.48 25.47
CA LEU D 117 6.21 -22.29 26.67
C LEU D 117 7.20 -23.46 26.81
N ALA D 118 7.42 -24.22 25.74
CA ALA D 118 8.38 -25.34 25.68
C ALA D 118 9.74 -24.87 26.21
N GLU D 119 10.21 -23.73 25.72
CA GLU D 119 11.52 -23.11 26.09
C GLU D 119 11.48 -22.69 27.57
N ALA D 120 10.48 -21.90 27.94
CA ALA D 120 10.26 -21.38 29.32
C ALA D 120 10.33 -22.54 30.33
N CYS D 121 9.65 -23.66 30.01
CA CYS D 121 9.62 -24.90 30.83
C CYS D 121 11.04 -25.46 30.98
N GLN D 122 11.73 -25.67 29.86
CA GLN D 122 13.13 -26.18 29.79
C GLN D 122 14.03 -25.36 30.72
N LYS D 123 13.95 -24.03 30.62
CA LYS D 123 14.84 -23.08 31.36
C LYS D 123 14.49 -23.06 32.84
N ALA D 124 13.21 -23.23 33.18
CA ALA D 124 12.68 -23.20 34.57
C ALA D 124 12.83 -24.58 35.23
N GLY D 125 13.10 -25.63 34.45
CA GLY D 125 13.27 -27.01 34.95
C GLY D 125 11.94 -27.69 35.19
N LEU D 126 10.97 -27.49 34.28
CA LEU D 126 9.67 -28.21 34.25
C LEU D 126 9.62 -29.09 32.99
N LYS D 127 9.01 -30.27 33.09
CA LYS D 127 8.69 -31.13 31.92
C LYS D 127 7.63 -30.42 31.07
N PHE D 128 7.53 -30.78 29.79
CA PHE D 128 6.60 -30.16 28.80
C PHE D 128 5.74 -31.25 28.17
N GLY D 129 4.42 -31.15 28.34
CA GLY D 129 3.42 -32.05 27.73
C GLY D 129 2.67 -31.33 26.60
N LEU D 130 2.01 -32.11 25.73
CA LEU D 130 1.23 -31.59 24.58
C LEU D 130 -0.15 -32.25 24.56
N TYR D 131 -1.15 -31.54 24.03
CA TYR D 131 -2.51 -32.05 23.74
C TYR D 131 -2.86 -31.73 22.27
N TYR D 132 -3.43 -32.69 21.55
CA TYR D 132 -3.87 -32.53 20.14
C TYR D 132 -5.19 -33.29 19.89
N SER D 133 -6.19 -32.58 19.37
CA SER D 133 -7.49 -33.14 18.93
C SER D 133 -7.29 -33.91 17.61
N GLN D 134 -7.00 -35.22 17.72
CA GLN D 134 -6.63 -36.09 16.57
C GLN D 134 -7.88 -36.51 15.79
N ASP D 135 -9.07 -36.37 16.38
CA ASP D 135 -10.36 -36.80 15.77
C ASP D 135 -11.11 -35.58 15.23
N LEU D 136 -11.52 -34.68 16.13
CA LEU D 136 -12.40 -33.53 15.80
C LEU D 136 -11.55 -32.39 15.19
N ASP D 137 -12.00 -31.83 14.07
CA ASP D 137 -11.40 -30.64 13.42
C ASP D 137 -12.49 -29.92 12.62
N TRP D 138 -13.04 -28.83 13.17
CA TRP D 138 -14.20 -28.10 12.61
C TRP D 138 -13.78 -27.26 11.40
N HIS D 139 -12.49 -26.95 11.28
CA HIS D 139 -11.92 -26.18 10.15
C HIS D 139 -11.77 -27.08 8.91
N ASP D 140 -11.59 -28.39 9.13
CA ASP D 140 -11.32 -29.40 8.05
C ASP D 140 -12.65 -29.86 7.46
N PRO D 141 -12.81 -29.81 6.11
CA PRO D 141 -14.01 -30.34 5.45
C PRO D 141 -14.40 -31.75 5.90
N ASN D 142 -13.42 -32.66 6.02
CA ASN D 142 -13.61 -34.07 6.44
C ASN D 142 -13.26 -34.21 7.92
N GLY D 143 -13.62 -33.22 8.74
CA GLY D 143 -13.43 -33.24 10.21
C GLY D 143 -14.16 -34.39 10.86
N GLY D 144 -13.55 -35.00 11.87
CA GLY D 144 -14.07 -36.21 12.56
C GLY D 144 -15.32 -35.92 13.37
N GLY D 145 -16.11 -36.96 13.63
CA GLY D 145 -17.31 -36.94 14.50
C GLY D 145 -18.61 -37.09 13.71
N TYR D 146 -18.54 -37.09 12.39
CA TYR D 146 -19.72 -37.00 11.47
C TYR D 146 -20.51 -38.32 11.48
N LYS D 147 -19.89 -39.41 11.93
CA LYS D 147 -20.54 -40.75 12.08
C LYS D 147 -20.63 -41.11 13.58
N SER D 148 -20.91 -40.12 14.43
CA SER D 148 -20.96 -40.27 15.91
C SER D 148 -21.78 -39.15 16.56
N ASN D 149 -22.88 -38.74 15.90
CA ASN D 149 -23.76 -37.63 16.37
C ASN D 149 -24.98 -38.19 17.10
N ASP D 150 -25.04 -39.51 17.30
CA ASP D 150 -26.17 -40.22 17.97
C ASP D 150 -26.16 -39.91 19.48
N VAL D 151 -25.26 -39.05 19.95
CA VAL D 151 -25.18 -38.57 21.37
C VAL D 151 -25.00 -37.04 21.37
N GLU D 152 -25.45 -36.38 22.44
CA GLU D 152 -25.38 -34.90 22.62
C GLU D 152 -23.97 -34.48 23.06
N THR D 153 -23.61 -33.20 22.83
CA THR D 153 -22.27 -32.63 23.07
C THR D 153 -22.37 -31.38 23.96
N ALA D 154 -21.24 -30.66 24.12
CA ALA D 154 -21.17 -29.33 24.78
C ALA D 154 -21.47 -28.23 23.77
N GLY D 155 -21.57 -28.58 22.48
CA GLY D 155 -22.02 -27.68 21.40
C GLY D 155 -23.30 -28.19 20.77
N THR D 156 -23.28 -28.41 19.44
CA THR D 156 -24.37 -29.05 18.67
C THR D 156 -23.89 -30.44 18.24
N THR D 157 -23.35 -30.57 17.01
CA THR D 157 -22.76 -31.81 16.46
C THR D 157 -21.28 -31.89 16.86
N TRP D 158 -20.70 -33.10 16.80
CA TRP D 158 -19.26 -33.36 17.09
C TRP D 158 -18.40 -32.80 15.96
N ASP D 159 -18.89 -32.89 14.72
CA ASP D 159 -18.21 -32.43 13.48
C ASP D 159 -18.74 -31.04 13.11
N ASN D 160 -18.11 -30.40 12.11
CA ASN D 160 -18.62 -29.14 11.49
C ASN D 160 -19.71 -29.52 10.49
N SER D 161 -20.96 -29.57 10.94
CA SER D 161 -22.15 -29.98 10.16
C SER D 161 -22.81 -28.79 9.46
N TRP D 162 -22.28 -27.57 9.66
CA TRP D 162 -22.90 -26.30 9.17
C TRP D 162 -22.16 -25.84 7.90
N ASP D 163 -20.84 -25.75 7.92
CA ASP D 163 -19.99 -25.40 6.75
C ASP D 163 -19.97 -26.56 5.77
N PHE D 164 -20.02 -27.80 6.28
CA PHE D 164 -19.89 -29.06 5.50
C PHE D 164 -21.08 -29.97 5.78
N PRO D 165 -22.29 -29.62 5.30
CA PRO D 165 -23.48 -30.46 5.50
C PRO D 165 -23.60 -31.55 4.42
N ASP D 166 -22.69 -32.53 4.46
CA ASP D 166 -22.67 -33.68 3.52
C ASP D 166 -22.06 -34.90 4.24
N GLU D 167 -22.69 -35.33 5.34
CA GLU D 167 -22.27 -36.50 6.16
C GLU D 167 -22.13 -37.73 5.27
N ASP D 168 -23.02 -37.88 4.28
CA ASP D 168 -23.10 -39.04 3.35
C ASP D 168 -21.86 -39.10 2.46
N GLN D 169 -21.25 -37.96 2.13
CA GLN D 169 -20.08 -37.86 1.20
C GLN D 169 -18.87 -37.28 1.93
N LYS D 170 -18.70 -37.62 3.21
CA LYS D 170 -17.53 -37.25 4.05
C LYS D 170 -16.62 -38.48 4.21
N ASN D 171 -15.30 -38.25 4.32
CA ASN D 171 -14.27 -39.33 4.46
C ASN D 171 -13.08 -38.79 5.27
N PHE D 172 -12.99 -39.23 6.54
CA PHE D 172 -11.99 -38.76 7.53
C PHE D 172 -10.56 -39.07 7.07
N ASP D 173 -10.37 -40.18 6.33
CA ASP D 173 -9.05 -40.62 5.81
C ASP D 173 -8.36 -39.43 5.13
N LEU D 174 -9.12 -38.64 4.37
CA LEU D 174 -8.66 -37.40 3.69
C LEU D 174 -8.05 -36.45 4.73
N CYS D 175 -8.77 -36.19 5.83
CA CYS D 175 -8.37 -35.27 6.93
C CYS D 175 -7.12 -35.80 7.64
N PHE D 176 -7.08 -37.11 7.95
CA PHE D 176 -6.01 -37.75 8.75
C PHE D 176 -4.66 -37.68 8.02
N ASP D 177 -4.64 -38.06 6.74
CA ASP D 177 -3.42 -38.16 5.90
C ASP D 177 -2.85 -36.76 5.63
N ASN D 178 -3.72 -35.76 5.47
CA ASN D 178 -3.37 -34.40 4.95
C ASN D 178 -3.03 -33.44 6.10
N LYS D 179 -3.70 -33.56 7.26
CA LYS D 179 -3.53 -32.62 8.41
C LYS D 179 -3.03 -33.37 9.65
N ILE D 180 -3.81 -34.35 10.14
CA ILE D 180 -3.65 -34.94 11.51
C ILE D 180 -2.24 -35.52 11.67
N LEU D 181 -1.94 -36.63 10.99
CA LEU D 181 -0.64 -37.36 11.10
C LEU D 181 0.52 -36.40 10.88
N PRO D 182 0.51 -35.59 9.79
CA PRO D 182 1.53 -34.55 9.58
C PRO D 182 1.72 -33.57 10.76
N GLN D 183 0.63 -33.02 11.30
CA GLN D 183 0.67 -31.99 12.39
C GLN D 183 1.19 -32.62 13.68
N ILE D 184 0.82 -33.88 13.96
CA ILE D 184 1.31 -34.64 15.16
C ILE D 184 2.83 -34.81 15.05
N LYS D 185 3.32 -35.12 13.85
CA LYS D 185 4.79 -35.22 13.56
C LYS D 185 5.45 -33.88 13.90
N GLU D 186 4.88 -32.77 13.40
CA GLU D 186 5.44 -31.39 13.55
C GLU D 186 5.74 -31.10 15.03
N ILE D 187 4.73 -31.25 15.90
CA ILE D 187 4.79 -30.89 17.34
C ILE D 187 5.72 -31.85 18.09
N MET D 188 5.76 -33.12 17.67
CA MET D 188 6.57 -34.19 18.31
C MET D 188 8.02 -34.13 17.78
N SER D 189 8.25 -33.43 16.66
CA SER D 189 9.58 -33.27 16.02
C SER D 189 10.31 -32.05 16.61
N ASN D 190 9.60 -30.93 16.69
CA ASN D 190 10.14 -29.64 17.23
C ASN D 190 9.82 -29.55 18.72
N TYR D 191 10.16 -28.42 19.34
CA TYR D 191 9.77 -28.06 20.74
C TYR D 191 10.41 -29.04 21.73
N GLY D 192 11.64 -29.46 21.45
CA GLY D 192 12.51 -30.24 22.34
C GLY D 192 11.85 -31.52 22.84
N ASP D 193 12.19 -31.93 24.06
CA ASP D 193 11.70 -33.18 24.71
C ASP D 193 10.22 -33.00 25.10
N ILE D 194 9.38 -33.94 24.69
CA ILE D 194 7.93 -34.03 25.07
C ILE D 194 7.80 -35.17 26.08
N ALA D 195 7.40 -34.86 27.32
CA ALA D 195 7.35 -35.79 28.46
C ALA D 195 5.97 -36.46 28.56
N THR D 196 4.91 -35.80 28.06
CA THR D 196 3.51 -36.30 28.10
C THR D 196 2.77 -35.91 26.81
N ALA D 197 1.85 -36.76 26.37
CA ALA D 197 1.01 -36.55 25.16
C ALA D 197 -0.44 -36.97 25.46
N TRP D 198 -1.34 -35.99 25.53
CA TRP D 198 -2.78 -36.20 25.86
C TRP D 198 -3.61 -36.12 24.58
N PHE D 199 -4.39 -37.15 24.29
CA PHE D 199 -5.27 -37.27 23.09
C PHE D 199 -6.73 -37.42 23.54
N ASP D 200 -7.66 -37.14 22.62
CA ASP D 200 -9.13 -37.32 22.85
C ASP D 200 -9.51 -38.79 22.60
N VAL D 201 -10.63 -39.21 23.18
CA VAL D 201 -11.29 -40.53 22.86
C VAL D 201 -11.63 -40.53 21.37
N PRO D 202 -11.00 -41.41 20.55
CA PRO D 202 -11.36 -41.54 19.14
C PRO D 202 -12.82 -41.99 18.96
N MET D 203 -13.53 -41.38 18.01
CA MET D 203 -14.94 -41.68 17.67
C MET D 203 -15.01 -42.09 16.19
N THR D 204 -14.37 -41.30 15.33
CA THR D 204 -14.25 -41.55 13.87
C THR D 204 -12.76 -41.71 13.49
N LEU D 205 -12.10 -42.71 14.10
CA LEU D 205 -10.67 -43.04 13.87
C LEU D 205 -10.53 -44.55 13.79
N SER D 206 -9.93 -45.07 12.71
CA SER D 206 -9.64 -46.51 12.51
C SER D 206 -8.55 -46.97 13.48
N GLU D 207 -8.49 -48.27 13.78
CA GLU D 207 -7.46 -48.86 14.67
C GLU D 207 -6.06 -48.60 14.07
N ALA D 208 -5.94 -48.72 12.75
CA ALA D 208 -4.73 -48.40 11.96
C ALA D 208 -4.25 -46.98 12.30
N GLN D 209 -5.15 -46.00 12.16
CA GLN D 209 -4.89 -44.56 12.42
C GLN D 209 -4.50 -44.34 13.88
N SER D 210 -5.11 -45.09 14.80
CA SER D 210 -4.80 -45.07 16.26
C SER D 210 -3.37 -45.58 16.49
N GLN D 211 -3.05 -46.76 15.94
CA GLN D 211 -1.70 -47.39 16.03
C GLN D 211 -0.66 -46.50 15.35
N THR D 212 -1.02 -45.89 14.21
CA THR D 212 -0.17 -44.97 13.42
C THR D 212 0.38 -43.87 14.36
N ILE D 213 -0.51 -43.16 15.04
CA ILE D 213 -0.17 -42.03 15.96
C ILE D 213 0.78 -42.55 17.04
N TYR D 214 0.44 -43.68 17.67
CA TYR D 214 1.23 -44.33 18.75
C TYR D 214 2.68 -44.51 18.27
N ASP D 215 2.84 -45.16 17.12
CA ASP D 215 4.17 -45.45 16.49
C ASP D 215 4.87 -44.13 16.17
N THR D 216 4.14 -43.15 15.62
CA THR D 216 4.66 -41.81 15.24
C THR D 216 5.27 -41.13 16.48
N VAL D 217 4.57 -41.18 17.62
CA VAL D 217 5.02 -40.58 18.91
C VAL D 217 6.23 -41.35 19.41
N ARG D 218 6.17 -42.68 19.40
CA ARG D 218 7.26 -43.59 19.86
C ARG D 218 8.55 -43.29 19.08
N GLU D 219 8.45 -43.22 17.74
CA GLU D 219 9.61 -43.03 16.82
C GLU D 219 10.27 -41.66 17.07
N LEU D 220 9.47 -40.63 17.37
CA LEU D 220 9.92 -39.22 17.50
C LEU D 220 10.26 -38.88 18.95
N GLN D 221 9.42 -39.31 19.90
CA GLN D 221 9.56 -39.00 21.35
C GLN D 221 9.49 -40.30 22.15
N PRO D 222 10.58 -41.11 22.18
CA PRO D 222 10.55 -42.41 22.84
C PRO D 222 10.17 -42.33 24.33
N ASN D 223 10.73 -41.35 25.05
CA ASN D 223 10.55 -41.19 26.52
C ASN D 223 9.15 -40.63 26.83
N CYS D 224 8.44 -40.10 25.84
CA CYS D 224 7.09 -39.50 26.00
C CYS D 224 6.09 -40.55 26.51
N LEU D 225 5.42 -40.25 27.63
CA LEU D 225 4.30 -41.06 28.18
C LEU D 225 3.01 -40.67 27.46
N ILE D 226 2.25 -41.66 26.98
CA ILE D 226 1.05 -41.45 26.12
C ILE D 226 -0.21 -41.75 26.95
N ASN D 227 -1.26 -40.96 26.73
CA ASN D 227 -2.56 -41.01 27.46
C ASN D 227 -3.38 -42.20 26.95
N SER D 228 -4.22 -42.78 27.82
CA SER D 228 -5.03 -44.01 27.55
C SER D 228 -6.13 -43.72 26.51
N ARG D 229 -6.65 -42.49 26.46
CA ARG D 229 -7.75 -42.07 25.55
C ARG D 229 -7.47 -42.57 24.13
N LEU D 230 -6.20 -42.54 23.69
CA LEU D 230 -5.76 -42.81 22.29
C LEU D 230 -6.20 -44.20 21.82
N GLY D 231 -5.75 -45.26 22.49
CA GLY D 231 -6.03 -46.66 22.10
C GLY D 231 -5.78 -47.64 23.23
N ASN D 232 -6.49 -48.78 23.24
CA ASN D 232 -6.54 -49.75 24.37
C ASN D 232 -5.20 -50.45 24.57
N GLY D 233 -4.39 -50.57 23.52
CA GLY D 233 -3.02 -51.14 23.60
C GLY D 233 -1.98 -50.15 23.10
N LYS D 234 -2.19 -48.86 23.39
CA LYS D 234 -1.43 -47.72 22.77
C LYS D 234 -1.24 -46.60 23.81
N TYR D 235 -0.91 -46.94 25.05
CA TYR D 235 -0.71 -45.96 26.16
C TYR D 235 0.25 -46.48 27.23
N ASP D 236 0.62 -45.56 28.14
CA ASP D 236 1.53 -45.80 29.30
C ASP D 236 0.76 -45.55 30.61
N PHE D 237 0.10 -44.38 30.71
CA PHE D 237 -0.71 -43.95 31.88
C PHE D 237 -2.17 -43.76 31.45
N VAL D 238 -3.10 -44.02 32.38
CA VAL D 238 -4.58 -43.91 32.15
C VAL D 238 -5.07 -42.56 32.67
N SER D 239 -5.94 -41.90 31.89
CA SER D 239 -6.61 -40.64 32.28
C SER D 239 -7.99 -40.95 32.87
N LEU D 240 -8.16 -40.69 34.18
CA LEU D 240 -9.44 -40.89 34.92
C LEU D 240 -10.26 -39.61 34.84
N GLY D 241 -11.55 -39.72 34.50
CA GLY D 241 -12.45 -38.59 34.23
C GLY D 241 -13.49 -38.37 35.32
N ASP D 242 -13.05 -37.92 36.50
CA ASP D 242 -13.92 -37.39 37.59
C ASP D 242 -14.77 -38.51 38.21
N ASN D 243 -15.60 -39.16 37.39
CA ASN D 243 -16.52 -40.26 37.80
C ASN D 243 -15.75 -41.59 37.92
N GLU D 244 -14.46 -41.60 37.58
CA GLU D 244 -13.58 -42.81 37.64
C GLU D 244 -12.62 -42.71 38.84
N ILE D 245 -12.85 -41.75 39.74
CA ILE D 245 -11.96 -41.46 40.92
C ILE D 245 -12.37 -42.36 42.09
N PRO D 267 -6.73 -51.35 32.35
CA PRO D 267 -5.55 -51.63 33.17
C PRO D 267 -4.36 -50.71 32.86
N SER D 268 -3.73 -50.19 33.92
CA SER D 268 -2.46 -49.42 33.85
C SER D 268 -1.29 -50.33 34.22
N PRO D 269 -0.46 -50.77 33.24
CA PRO D 269 0.61 -51.73 33.51
C PRO D 269 1.80 -51.10 34.25
N LEU D 270 2.06 -49.82 34.02
CA LEU D 270 3.12 -49.03 34.71
C LEU D 270 2.61 -48.55 36.08
N GLY D 271 1.30 -48.58 36.28
CA GLY D 271 0.63 -48.12 37.51
C GLY D 271 0.56 -46.60 37.57
N LEU D 272 0.44 -45.94 36.41
CA LEU D 272 0.39 -44.47 36.27
C LEU D 272 -1.06 -44.03 36.02
N TYR D 273 -1.52 -43.03 36.76
CA TYR D 273 -2.88 -42.44 36.67
C TYR D 273 -2.77 -40.92 36.70
N ALA D 274 -3.68 -40.23 36.00
CA ALA D 274 -3.75 -38.74 35.97
C ALA D 274 -5.20 -38.30 35.71
N THR D 275 -5.62 -37.22 36.38
CA THR D 275 -6.96 -36.60 36.25
C THR D 275 -6.81 -35.11 35.91
N ALA D 276 -7.36 -34.70 34.77
CA ALA D 276 -7.45 -33.29 34.34
C ALA D 276 -8.68 -32.65 35.01
N GLY D 277 -8.52 -31.42 35.53
CA GLY D 277 -9.60 -30.62 36.13
C GLY D 277 -9.37 -29.14 35.91
N THR D 278 -10.41 -28.32 36.07
CA THR D 278 -10.36 -26.84 35.91
C THR D 278 -10.61 -26.16 37.25
N ILE D 279 -10.31 -24.86 37.32
CA ILE D 279 -10.48 -24.02 38.54
C ILE D 279 -11.94 -23.56 38.61
N ASN D 280 -12.49 -23.09 37.49
CA ASN D 280 -13.95 -22.84 37.33
C ASN D 280 -14.55 -24.02 36.54
N ASP D 281 -15.68 -23.83 35.86
CA ASP D 281 -16.48 -24.92 35.24
C ASP D 281 -16.15 -25.03 33.74
N SER D 282 -15.33 -24.13 33.20
CA SER D 282 -14.95 -24.07 31.76
C SER D 282 -13.44 -24.29 31.61
N TRP D 283 -13.03 -24.94 30.51
CA TRP D 283 -11.60 -25.14 30.15
C TRP D 283 -11.08 -23.88 29.47
N GLY D 284 -11.72 -23.46 28.37
CA GLY D 284 -11.48 -22.17 27.72
C GLY D 284 -11.96 -21.03 28.60
N PHE D 285 -11.38 -19.84 28.43
CA PHE D 285 -11.69 -18.63 29.24
C PHE D 285 -13.14 -18.21 28.98
N SER D 286 -13.79 -17.59 29.98
CA SER D 286 -15.22 -17.16 29.93
C SER D 286 -15.48 -16.05 30.95
N TYR D 287 -16.02 -14.91 30.48
CA TYR D 287 -16.35 -13.71 31.31
C TYR D 287 -17.29 -14.11 32.44
N HIS D 288 -18.42 -14.72 32.07
CA HIS D 288 -19.58 -14.96 32.95
C HIS D 288 -19.29 -16.08 33.96
N ASP D 289 -18.33 -16.97 33.67
CA ASP D 289 -17.94 -18.09 34.59
C ASP D 289 -16.97 -17.56 35.65
N GLN D 290 -17.51 -17.17 36.81
CA GLN D 290 -16.76 -16.68 37.99
C GLN D 290 -16.85 -17.72 39.12
N ASN D 291 -17.21 -18.97 38.79
CA ASN D 291 -17.44 -20.05 39.78
C ASN D 291 -16.10 -20.74 40.08
N TRP D 292 -15.13 -19.97 40.58
CA TRP D 292 -13.75 -20.43 40.89
C TRP D 292 -13.77 -21.32 42.13
N LYS D 293 -13.31 -22.57 42.01
CA LYS D 293 -13.14 -23.51 43.15
C LYS D 293 -12.28 -22.83 44.21
N THR D 294 -12.72 -22.89 45.47
CA THR D 294 -12.06 -22.22 46.62
C THR D 294 -10.63 -22.74 46.75
N PRO D 295 -9.70 -21.99 47.37
CA PRO D 295 -8.37 -22.52 47.67
C PRO D 295 -8.44 -23.88 48.36
N ARG D 296 -9.34 -24.01 49.35
CA ARG D 296 -9.53 -25.25 50.15
C ARG D 296 -9.87 -26.43 49.24
N THR D 297 -10.81 -26.24 48.32
CA THR D 297 -11.31 -27.28 47.38
C THR D 297 -10.14 -27.78 46.50
N LEU D 298 -9.35 -26.86 45.93
CA LEU D 298 -8.21 -27.19 45.02
C LEU D 298 -7.19 -28.07 45.76
N TYR D 299 -6.78 -27.63 46.96
CA TYR D 299 -5.82 -28.36 47.83
C TYR D 299 -6.38 -29.73 48.19
N ARG D 300 -7.62 -29.78 48.68
CA ARG D 300 -8.29 -31.02 49.18
C ARG D 300 -8.41 -32.04 48.04
N TYR D 301 -8.77 -31.59 46.83
CA TYR D 301 -8.93 -32.48 45.65
C TYR D 301 -7.54 -33.03 45.25
N LYS D 302 -6.54 -32.15 45.17
CA LYS D 302 -5.13 -32.52 44.90
C LYS D 302 -4.69 -33.58 45.92
N GLN D 303 -4.95 -33.34 47.20
CA GLN D 303 -4.60 -34.25 48.33
C GLN D 303 -5.20 -35.63 48.07
N HIS D 304 -6.51 -35.68 47.81
CA HIS D 304 -7.29 -36.93 47.55
C HIS D 304 -6.67 -37.71 46.39
N LEU D 305 -6.46 -37.05 45.25
CA LEU D 305 -5.93 -37.69 44.00
C LEU D 305 -4.52 -38.23 44.25
N ASN D 306 -3.64 -37.41 44.86
CA ASN D 306 -2.23 -37.78 45.15
C ASN D 306 -2.19 -38.97 46.12
N ASP D 307 -3.10 -39.00 47.09
CA ASP D 307 -3.19 -40.09 48.12
C ASP D 307 -3.58 -41.40 47.45
N PHE D 308 -4.33 -41.35 46.33
CA PHE D 308 -4.76 -42.53 45.53
C PHE D 308 -3.84 -42.71 44.31
N GLY D 309 -2.64 -42.13 44.35
CA GLY D 309 -1.60 -42.27 43.31
C GLY D 309 -2.10 -41.80 41.95
N ILE D 310 -2.80 -40.66 41.92
CA ILE D 310 -3.32 -40.01 40.68
C ILE D 310 -2.71 -38.60 40.58
N ASN D 311 -2.10 -38.27 39.44
CA ASN D 311 -1.57 -36.92 39.15
C ASN D 311 -2.74 -35.96 38.90
N TYR D 312 -2.70 -34.78 39.53
CA TYR D 312 -3.71 -33.71 39.35
C TYR D 312 -3.19 -32.71 38.31
N LEU D 313 -3.80 -32.71 37.12
CA LEU D 313 -3.54 -31.73 36.04
C LEU D 313 -4.61 -30.63 36.10
N LEU D 314 -4.27 -29.49 36.70
CA LEU D 314 -5.20 -28.36 36.96
C LEU D 314 -5.07 -27.32 35.84
N ASN D 315 -6.19 -27.02 35.15
CA ASN D 315 -6.21 -26.20 33.90
C ASN D 315 -6.40 -24.72 34.21
N VAL D 316 -5.59 -23.89 33.55
CA VAL D 316 -5.75 -22.41 33.47
C VAL D 316 -6.17 -22.07 32.04
N GLY D 317 -7.28 -21.33 31.88
CA GLY D 317 -7.79 -20.86 30.58
C GLY D 317 -7.40 -19.41 30.34
N LEU D 318 -6.36 -19.18 29.54
CA LEU D 318 -5.78 -17.83 29.30
C LEU D 318 -6.82 -16.95 28.61
N ASP D 319 -6.82 -15.65 28.95
CA ASP D 319 -7.83 -14.64 28.50
C ASP D 319 -7.33 -14.00 27.20
N PRO D 320 -8.11 -13.10 26.57
CA PRO D 320 -7.73 -12.52 25.27
C PRO D 320 -6.34 -11.87 25.21
N LEU D 321 -5.86 -11.33 26.33
CA LEU D 321 -4.52 -10.67 26.42
C LEU D 321 -3.45 -11.69 26.82
N GLY D 322 -3.82 -12.97 26.94
CA GLY D 322 -2.88 -14.07 27.26
C GLY D 322 -2.42 -14.00 28.71
N ARG D 323 -3.29 -13.54 29.60
CA ARG D 323 -3.03 -13.45 31.06
C ARG D 323 -3.72 -14.62 31.77
N VAL D 324 -3.13 -15.10 32.86
CA VAL D 324 -3.80 -16.02 33.83
C VAL D 324 -4.87 -15.20 34.55
N PRO D 325 -6.17 -15.55 34.42
CA PRO D 325 -7.22 -14.83 35.14
C PRO D 325 -6.86 -14.58 36.61
N MET D 326 -7.09 -13.36 37.10
CA MET D 326 -6.70 -12.88 38.45
C MET D 326 -7.07 -13.92 39.52
N MET D 327 -8.32 -14.39 39.51
CA MET D 327 -8.87 -15.30 40.55
C MET D 327 -8.25 -16.69 40.42
N ALA D 328 -7.93 -17.11 39.19
CA ALA D 328 -7.22 -18.39 38.91
C ALA D 328 -5.87 -18.38 39.64
N GLU D 329 -5.11 -17.29 39.48
CA GLU D 329 -3.77 -17.10 40.13
C GLU D 329 -3.94 -17.09 41.64
N GLU D 330 -4.79 -16.20 42.16
CA GLU D 330 -5.05 -16.04 43.63
C GLU D 330 -5.28 -17.41 44.27
N ASN D 331 -6.17 -18.21 43.70
CA ASN D 331 -6.62 -19.51 44.26
C ASN D 331 -5.52 -20.56 44.14
N LEU D 332 -4.79 -20.58 43.03
CA LEU D 332 -3.64 -21.50 42.82
C LEU D 332 -2.59 -21.28 43.92
N LEU D 333 -2.28 -20.02 44.23
CA LEU D 333 -1.25 -19.62 45.23
C LEU D 333 -1.76 -19.87 46.65
N ALA D 334 -3.04 -19.58 46.90
CA ALA D 334 -3.70 -19.81 48.22
C ALA D 334 -3.75 -21.31 48.52
N ALA D 335 -4.02 -22.12 47.49
CA ALA D 335 -4.06 -23.60 47.56
C ALA D 335 -2.64 -24.13 47.83
N LYS D 336 -1.60 -23.37 47.46
CA LYS D 336 -0.19 -23.71 47.73
C LYS D 336 0.05 -23.69 49.24
N ALA D 337 -0.34 -22.59 49.90
CA ALA D 337 -0.18 -22.37 51.35
C ALA D 337 -0.81 -23.55 52.12
N LEU D 338 -2.05 -23.88 51.80
CA LEU D 338 -2.84 -24.97 52.44
C LEU D 338 -2.13 -26.31 52.24
N GLU D 339 -1.54 -26.53 51.07
CA GLU D 339 -0.73 -27.74 50.74
C GLU D 339 0.63 -27.75 51.45
N ASP D 340 1.19 -26.59 51.82
CA ASP D 340 2.49 -26.47 52.53
C ASP D 340 2.28 -26.62 54.04
N GLU D 341 1.46 -25.72 54.59
CA GLU D 341 1.23 -25.47 56.05
C GLU D 341 0.56 -26.70 56.67
N ALA D 342 -0.12 -27.56 55.88
CA ALA D 342 -0.73 -28.84 56.32
C ALA D 342 0.21 -30.02 56.01
N ASN D 343 1.53 -29.82 56.06
CA ASN D 343 2.58 -30.86 55.94
C ASN D 343 3.42 -30.94 57.23
N ARG D 344 3.34 -29.89 58.07
CA ARG D 344 4.41 -29.50 59.03
C ARG D 344 4.20 -30.22 60.36
#